data_6LNP
#
_entry.id   6LNP
#
_cell.length_a   92.410
_cell.length_b   92.410
_cell.length_c   123.020
_cell.angle_alpha   90.000
_cell.angle_beta   90.000
_cell.angle_gamma   90.000
#
_symmetry.space_group_name_H-M   'P 41'
#
loop_
_entity.id
_entity.type
_entity.pdbx_description
1 polymer 'Fusion protein of Green fluorescent protein and Sensor histidine kinase CitA'
2 non-polymer 'CITRIC ACID'
#
_entity_poly.entity_id   1
_entity_poly.type   'polypeptide(L)'
_entity_poly.pdbx_seq_one_letter_code
;MGGSHHHHHHGMASMTGGQQMGRDLYDDDDKDPSSRMVSKGEELFTGVVPILAELDGDVNGHKFSVSGEGEGDATYGKLT
MKFICTTGKLPVPWPTLVTTL(CRO)VQCFSRYPDHMRQHDFFKSAMPEGYIQERTIFFKGDGNYKTRAEVKFEGDTLVN
RIELKGADFREDGNILGHKLVYNMVTEERLHHQVGQRALIQAMQISTMPELVEAVQKRDLARIKALIDPMRSFPDATYIT
VGDASGQRLYHVNPDEIGKSMVGGDSDEALINAKGYVSVRKGSLGSSLRGKSPILDATGRVVGIVSVGYTIEQLESNLVY
IKADKQKNGIKANFHVRHNIEDGGVQLAYHYQQNTPIGDGPVLLPDNHYLSVQSELSKDPNEKRDHMVLQEHVTAAGITL
GMAELYK
;
_entity_poly.pdbx_strand_id   B,D
#
loop_
_chem_comp.id
_chem_comp.type
_chem_comp.name
_chem_comp.formula
CIT non-polymer 'CITRIC ACID' 'C6 H8 O7'
#
# COMPACT_ATOMS: atom_id res chain seq x y z
N TYR A 26 30.73 -43.92 -15.08
CA TYR A 26 31.01 -42.49 -15.09
C TYR A 26 29.99 -41.74 -15.94
N ASP A 27 30.33 -40.49 -16.29
CA ASP A 27 29.43 -39.64 -17.06
C ASP A 27 29.38 -40.01 -18.54
N ASP A 28 29.91 -41.18 -18.93
CA ASP A 28 29.78 -41.68 -20.29
C ASP A 28 29.27 -43.11 -20.38
N ASP A 29 29.39 -43.92 -19.32
CA ASP A 29 28.72 -45.21 -19.26
C ASP A 29 27.28 -44.98 -18.79
N ASP A 30 26.49 -44.40 -19.70
CA ASP A 30 25.13 -43.94 -19.41
C ASP A 30 25.13 -42.90 -18.28
N ASP A 32 21.15 -42.45 -20.85
CA ASP A 32 19.90 -41.81 -21.24
C ASP A 32 19.96 -41.31 -22.68
N PRO A 33 18.82 -41.34 -23.39
CA PRO A 33 18.80 -40.83 -24.77
C PRO A 33 18.85 -39.32 -24.83
N SER A 34 17.76 -38.71 -25.31
CA SER A 34 17.69 -37.26 -25.56
C SER A 34 18.75 -36.84 -26.56
N SER A 35 19.17 -35.57 -26.48
CA SER A 35 20.15 -34.92 -27.36
C SER A 35 19.50 -34.43 -28.65
N ARG A 36 19.91 -33.26 -29.12
CA ARG A 36 20.87 -32.43 -28.40
C ARG A 36 20.39 -30.98 -28.34
N MET A 37 19.11 -30.81 -28.02
CA MET A 37 18.49 -29.50 -27.87
C MET A 37 17.09 -29.64 -27.30
N VAL A 38 16.95 -29.55 -25.98
CA VAL A 38 15.65 -29.65 -25.32
C VAL A 38 15.75 -29.00 -23.95
N SER A 39 15.10 -29.61 -22.95
CA SER A 39 15.15 -29.10 -21.59
C SER A 39 14.77 -30.17 -20.58
N LYS A 40 14.29 -31.31 -21.06
CA LYS A 40 13.93 -32.44 -20.22
C LYS A 40 13.53 -33.60 -21.13
N GLY A 41 13.60 -34.82 -20.58
CA GLY A 41 13.06 -35.98 -21.27
C GLY A 41 11.57 -35.89 -21.49
N GLU A 42 10.89 -35.00 -20.75
CA GLU A 42 9.48 -34.72 -20.96
C GLU A 42 9.23 -34.09 -22.33
N GLU A 43 9.48 -34.86 -23.38
CA GLU A 43 9.23 -34.43 -24.74
C GLU A 43 8.12 -35.23 -25.40
N LEU A 44 7.39 -36.03 -24.62
CA LEU A 44 6.23 -36.75 -25.14
C LEU A 44 5.19 -35.82 -25.73
N PHE A 45 5.21 -34.54 -25.34
CA PHE A 45 4.15 -33.60 -25.65
C PHE A 45 4.40 -32.77 -26.90
N THR A 46 5.59 -32.88 -27.50
CA THR A 46 5.78 -32.34 -28.84
C THR A 46 4.91 -33.13 -29.80
N GLY A 47 3.79 -32.55 -30.21
CA GLY A 47 2.78 -33.25 -30.97
C GLY A 47 1.52 -33.50 -30.15
N VAL A 48 0.47 -33.90 -30.85
CA VAL A 48 -0.84 -34.08 -30.22
C VAL A 48 -0.88 -35.43 -29.53
N VAL A 49 -1.28 -35.42 -28.25
CA VAL A 49 -1.22 -36.60 -27.39
C VAL A 49 -2.64 -36.99 -27.01
N PRO A 50 -3.04 -38.25 -27.19
CA PRO A 50 -4.38 -38.66 -26.76
C PRO A 50 -4.53 -38.60 -25.25
N ILE A 51 -5.74 -38.24 -24.81
CA ILE A 51 -6.06 -38.10 -23.39
C ILE A 51 -7.22 -39.01 -23.06
N LEU A 52 -7.21 -39.57 -21.86
CA LEU A 52 -8.27 -40.42 -21.35
C LEU A 52 -8.37 -40.17 -19.85
N ALA A 53 -9.60 -40.09 -19.33
CA ALA A 53 -9.77 -39.73 -17.93
C ALA A 53 -11.11 -40.22 -17.42
N GLU A 54 -11.11 -40.79 -16.21
CA GLU A 54 -12.31 -41.11 -15.47
C GLU A 54 -12.24 -40.49 -14.09
N LEU A 55 -13.39 -40.40 -13.44
CA LEU A 55 -13.50 -39.77 -12.12
C LEU A 55 -14.64 -40.41 -11.36
N ASP A 56 -14.32 -41.10 -10.27
CA ASP A 56 -15.33 -41.72 -9.41
C ASP A 56 -15.72 -40.72 -8.33
N GLY A 57 -17.00 -40.35 -8.29
CA GLY A 57 -17.46 -39.24 -7.47
C GLY A 57 -18.50 -39.65 -6.44
N ASP A 58 -18.38 -39.06 -5.25
CA ASP A 58 -19.39 -39.16 -4.20
C ASP A 58 -19.56 -37.78 -3.60
N VAL A 59 -20.79 -37.28 -3.58
CA VAL A 59 -21.10 -35.97 -3.02
C VAL A 59 -22.28 -36.17 -2.07
N ASN A 60 -21.99 -36.27 -0.77
CA ASN A 60 -23.01 -36.42 0.27
C ASN A 60 -23.90 -37.64 0.01
N GLY A 61 -23.29 -38.70 -0.53
CA GLY A 61 -24.03 -39.92 -0.81
C GLY A 61 -24.29 -40.14 -2.28
N HIS A 62 -24.62 -39.07 -3.01
CA HIS A 62 -24.89 -39.16 -4.43
C HIS A 62 -23.65 -39.65 -5.18
N LYS A 63 -23.68 -40.90 -5.64
CA LYS A 63 -22.58 -41.43 -6.43
C LYS A 63 -22.81 -41.17 -7.92
N PHE A 64 -21.71 -41.18 -8.67
CA PHE A 64 -21.69 -40.90 -10.09
C PHE A 64 -20.27 -41.13 -10.56
N SER A 65 -20.10 -41.21 -11.88
CA SER A 65 -18.77 -41.37 -12.46
C SER A 65 -18.76 -40.76 -13.85
N VAL A 66 -17.62 -40.15 -14.19
CA VAL A 66 -17.44 -39.44 -15.44
C VAL A 66 -16.31 -40.11 -16.21
N SER A 67 -16.40 -40.06 -17.55
CA SER A 67 -15.34 -40.57 -18.40
C SER A 67 -15.20 -39.65 -19.62
N GLY A 68 -13.96 -39.37 -20.00
CA GLY A 68 -13.71 -38.42 -21.07
C GLY A 68 -12.61 -38.80 -22.04
N GLU A 69 -12.83 -38.52 -23.32
CA GLU A 69 -11.85 -38.70 -24.37
C GLU A 69 -11.52 -37.36 -25.00
N GLY A 70 -10.37 -37.29 -25.65
CA GLY A 70 -9.97 -36.06 -26.32
C GLY A 70 -8.49 -36.00 -26.53
N GLU A 71 -8.09 -35.07 -27.41
CA GLU A 71 -6.69 -34.83 -27.72
C GLU A 71 -6.17 -33.63 -26.94
N GLY A 72 -4.85 -33.58 -26.78
CA GLY A 72 -4.21 -32.48 -26.13
C GLY A 72 -2.86 -32.16 -26.75
N ASP A 73 -2.70 -30.92 -27.23
CA ASP A 73 -1.46 -30.49 -27.88
C ASP A 73 -0.82 -29.43 -27.00
N ALA A 74 0.14 -29.85 -26.18
CA ALA A 74 0.76 -28.94 -25.22
C ALA A 74 1.51 -27.81 -25.91
N THR A 75 2.08 -28.07 -27.09
CA THR A 75 2.90 -27.07 -27.76
C THR A 75 2.11 -25.85 -28.20
N TYR A 76 0.78 -25.95 -28.28
CA TYR A 76 -0.09 -24.79 -28.46
C TYR A 76 -0.87 -24.47 -27.20
N GLY A 77 -0.65 -25.20 -26.11
CA GLY A 77 -1.36 -25.00 -24.87
C GLY A 77 -2.82 -25.39 -24.89
N LYS A 78 -3.35 -25.79 -26.04
CA LYS A 78 -4.77 -26.09 -26.17
C LYS A 78 -5.05 -27.56 -25.91
N LEU A 79 -6.33 -27.86 -25.67
CA LEU A 79 -6.83 -29.22 -25.53
C LEU A 79 -8.34 -29.19 -25.60
N THR A 80 -8.93 -30.18 -26.27
CA THR A 80 -10.37 -30.31 -26.38
C THR A 80 -10.76 -31.71 -25.93
N MET A 81 -11.82 -31.79 -25.13
CA MET A 81 -12.24 -33.06 -24.57
C MET A 81 -13.75 -33.08 -24.40
N LYS A 82 -14.29 -34.29 -24.31
CA LYS A 82 -15.72 -34.51 -24.08
C LYS A 82 -15.88 -35.52 -22.95
N PHE A 83 -16.68 -35.16 -21.96
CA PHE A 83 -16.91 -35.99 -20.79
C PHE A 83 -18.35 -36.50 -20.80
N ILE A 84 -18.57 -37.67 -20.20
CA ILE A 84 -19.87 -38.31 -20.17
C ILE A 84 -20.09 -38.90 -18.78
N CYS A 85 -21.21 -38.54 -18.15
CA CYS A 85 -21.59 -39.15 -16.88
C CYS A 85 -22.21 -40.51 -17.18
N THR A 86 -21.44 -41.57 -16.95
CA THR A 86 -21.82 -42.91 -17.36
C THR A 86 -22.85 -43.56 -16.43
N THR A 87 -23.40 -42.83 -15.47
CA THR A 87 -24.37 -43.39 -14.55
C THR A 87 -25.75 -42.77 -14.65
N GLY A 88 -25.90 -41.67 -15.38
CA GLY A 88 -27.19 -41.03 -15.52
C GLY A 88 -27.11 -39.51 -15.49
N LYS A 89 -27.95 -38.88 -14.68
CA LYS A 89 -27.87 -37.43 -14.49
C LYS A 89 -26.78 -37.11 -13.48
N LEU A 90 -25.88 -36.21 -13.87
CA LEU A 90 -24.80 -35.79 -12.98
C LEU A 90 -25.37 -34.96 -11.84
N PRO A 91 -25.23 -35.37 -10.59
CA PRO A 91 -25.90 -34.68 -9.47
C PRO A 91 -25.24 -33.37 -9.04
N VAL A 92 -24.26 -32.90 -9.80
CA VAL A 92 -23.63 -31.60 -9.55
C VAL A 92 -23.50 -30.87 -10.87
N PRO A 93 -23.28 -29.55 -10.85
CA PRO A 93 -23.12 -28.82 -12.10
C PRO A 93 -21.81 -29.18 -12.80
N TRP A 94 -21.89 -29.35 -14.11
CA TRP A 94 -20.70 -29.60 -14.91
C TRP A 94 -19.60 -28.57 -14.70
N PRO A 95 -19.87 -27.27 -14.53
CA PRO A 95 -18.77 -26.34 -14.26
C PRO A 95 -17.96 -26.67 -13.02
N THR A 96 -18.53 -27.37 -12.04
CA THR A 96 -17.80 -27.62 -10.80
C THR A 96 -16.72 -28.68 -10.95
N LEU A 97 -16.78 -29.49 -11.99
CA LEU A 97 -15.80 -30.55 -12.20
C LEU A 97 -14.75 -30.21 -13.25
N VAL A 98 -14.82 -29.01 -13.84
CA VAL A 98 -13.89 -28.65 -14.89
C VAL A 98 -12.46 -28.61 -14.38
N THR A 99 -12.27 -28.11 -13.16
CA THR A 99 -10.91 -27.96 -12.63
C THR A 99 -10.29 -29.31 -12.27
N THR A 100 -11.09 -30.27 -11.81
CA THR A 100 -10.56 -31.56 -11.42
C THR A 100 -10.46 -32.53 -12.60
N LEU A 101 -11.29 -32.37 -13.62
CA LEU A 101 -11.24 -33.23 -14.79
C LEU A 101 -10.18 -32.76 -15.77
N1 CRO A 102 -10.24 -31.43 -15.92
CA1 CRO A 102 -8.96 -31.09 -16.53
CB1 CRO A 102 -9.18 -30.48 -17.92
CG1 CRO A 102 -10.50 -29.73 -17.96
OG1 CRO A 102 -8.12 -29.62 -18.22
C1 CRO A 102 -8.16 -30.16 -15.61
N2 CRO A 102 -8.26 -28.82 -15.49
N3 CRO A 102 -7.20 -30.58 -14.77
C2 CRO A 102 -6.73 -29.53 -14.14
O2 CRO A 102 -5.87 -29.54 -13.32
CA2 CRO A 102 -7.35 -28.42 -14.62
CA3 CRO A 102 -6.79 -31.95 -14.56
C3 CRO A 102 -5.40 -32.31 -15.09
O3 CRO A 102 -4.58 -32.70 -14.34
CB2 CRO A 102 -7.09 -27.22 -14.14
CG2 CRO A 102 -7.86 -25.92 -14.41
CD1 CRO A 102 -8.93 -25.85 -15.29
CD2 CRO A 102 -7.46 -24.79 -13.73
CE1 CRO A 102 -9.59 -24.65 -15.48
CE2 CRO A 102 -8.11 -23.58 -13.92
CZ CRO A 102 -9.18 -23.52 -14.79
OH CRO A 102 -9.84 -22.29 -14.99
N VAL A 103 -5.42 -32.10 -16.39
CA VAL A 103 -4.28 -32.38 -17.26
C VAL A 103 -3.34 -31.18 -17.46
N GLN A 104 -2.83 -30.61 -16.37
CA GLN A 104 -1.97 -29.45 -16.47
C GLN A 104 -0.64 -29.74 -17.17
N CYS A 105 -0.45 -30.96 -17.69
CA CYS A 105 0.71 -31.23 -18.54
C CYS A 105 0.67 -30.40 -19.81
N PHE A 106 -0.52 -30.10 -20.31
CA PHE A 106 -0.69 -29.46 -21.61
C PHE A 106 -0.67 -27.95 -21.55
N SER A 107 -0.04 -27.37 -20.53
CA SER A 107 0.21 -25.93 -20.53
C SER A 107 1.39 -25.63 -21.44
N ARG A 108 1.33 -24.50 -22.12
CA ARG A 108 2.41 -24.08 -23.02
C ARG A 108 3.40 -23.24 -22.22
N TYR A 109 4.50 -23.87 -21.81
CA TYR A 109 5.61 -23.14 -21.21
C TYR A 109 6.52 -22.63 -22.32
N PRO A 110 6.72 -21.32 -22.46
CA PRO A 110 7.59 -20.82 -23.52
C PRO A 110 9.03 -21.25 -23.31
N ASP A 111 9.79 -21.27 -24.41
CA ASP A 111 11.16 -21.77 -24.38
C ASP A 111 12.00 -21.06 -23.32
N HIS A 112 11.64 -19.83 -22.97
CA HIS A 112 12.32 -19.10 -21.90
C HIS A 112 11.75 -19.43 -20.51
N MET A 113 10.93 -20.48 -20.41
CA MET A 113 10.41 -20.92 -19.13
C MET A 113 10.35 -22.44 -19.02
N ARG A 114 10.70 -23.19 -20.07
CA ARG A 114 10.57 -24.64 -20.07
C ARG A 114 11.34 -25.32 -18.96
N GLN A 115 12.28 -24.61 -18.30
CA GLN A 115 12.94 -25.13 -17.10
C GLN A 115 12.07 -25.01 -15.86
N HIS A 116 10.75 -24.83 -16.02
CA HIS A 116 9.83 -24.69 -14.91
C HIS A 116 8.60 -25.58 -15.01
N ASP A 117 8.51 -26.46 -16.00
CA ASP A 117 7.34 -27.32 -16.19
C ASP A 117 7.46 -28.55 -15.31
N PHE A 118 7.00 -28.44 -14.06
CA PHE A 118 7.00 -29.60 -13.18
C PHE A 118 6.01 -30.66 -13.63
N PHE A 119 5.00 -30.29 -14.42
CA PHE A 119 3.96 -31.24 -14.78
C PHE A 119 4.49 -32.25 -15.79
N LYS A 120 5.10 -31.76 -16.87
CA LYS A 120 5.78 -32.66 -17.79
C LYS A 120 6.96 -33.36 -17.14
N SER A 121 7.65 -32.68 -16.23
CA SER A 121 8.74 -33.31 -15.50
C SER A 121 8.36 -34.72 -15.03
N ALA A 122 7.17 -34.90 -14.45
CA ALA A 122 6.83 -36.22 -13.93
C ALA A 122 6.56 -37.24 -15.02
N MET A 123 6.34 -36.81 -16.26
CA MET A 123 6.09 -37.74 -17.34
C MET A 123 7.39 -38.38 -17.83
N PRO A 124 7.36 -39.63 -18.31
CA PRO A 124 6.15 -40.44 -18.44
C PRO A 124 5.76 -41.21 -17.17
N GLU A 125 6.56 -41.09 -16.12
CA GLU A 125 6.26 -41.81 -14.87
C GLU A 125 4.96 -41.33 -14.26
N GLY A 126 4.72 -40.03 -14.26
CA GLY A 126 3.46 -39.48 -13.82
C GLY A 126 3.57 -38.80 -12.46
N TYR A 127 2.56 -37.97 -12.17
CA TYR A 127 2.43 -37.33 -10.87
C TYR A 127 1.01 -37.53 -10.37
N ILE A 128 0.86 -37.52 -9.04
CA ILE A 128 -0.45 -37.54 -8.41
C ILE A 128 -0.83 -36.10 -8.10
N GLN A 129 -2.13 -35.83 -8.12
CA GLN A 129 -2.65 -34.47 -8.00
C GLN A 129 -3.81 -34.48 -7.01
N GLU A 130 -3.54 -34.04 -5.78
CA GLU A 130 -4.56 -33.91 -4.76
C GLU A 130 -4.96 -32.44 -4.61
N ARG A 131 -6.26 -32.21 -4.43
CA ARG A 131 -6.79 -30.86 -4.39
C ARG A 131 -7.98 -30.82 -3.46
N THR A 132 -8.13 -29.69 -2.76
CA THR A 132 -9.30 -29.41 -1.94
C THR A 132 -9.96 -28.14 -2.48
N ILE A 133 -11.29 -28.18 -2.62
CA ILE A 133 -12.04 -27.11 -3.25
C ILE A 133 -13.15 -26.67 -2.31
N PHE A 134 -13.02 -25.46 -1.76
CA PHE A 134 -14.01 -24.93 -0.83
C PHE A 134 -14.97 -24.02 -1.59
N PHE A 135 -16.25 -24.38 -1.60
CA PHE A 135 -17.29 -23.55 -2.20
C PHE A 135 -17.85 -22.63 -1.12
N LYS A 136 -17.57 -21.33 -1.24
CA LYS A 136 -17.96 -20.36 -0.23
C LYS A 136 -19.47 -20.35 -0.04
N GLY A 137 -19.90 -20.68 1.17
CA GLY A 137 -21.31 -20.78 1.48
C GLY A 137 -21.90 -22.16 1.36
N ASP A 138 -21.09 -23.18 1.13
CA ASP A 138 -21.60 -24.54 0.94
C ASP A 138 -20.55 -25.59 1.28
N GLY A 139 -20.50 -26.66 0.50
CA GLY A 139 -19.66 -27.80 0.81
C GLY A 139 -18.28 -27.70 0.19
N ASN A 140 -17.60 -28.85 0.19
CA ASN A 140 -16.22 -28.93 -0.29
C ASN A 140 -16.00 -30.21 -1.07
N TYR A 141 -15.29 -30.08 -2.20
CA TYR A 141 -14.76 -31.23 -2.92
C TYR A 141 -13.38 -31.57 -2.36
N LYS A 142 -13.10 -32.86 -2.23
CA LYS A 142 -11.76 -33.35 -1.86
C LYS A 142 -11.39 -34.42 -2.88
N THR A 143 -10.39 -34.14 -3.72
CA THR A 143 -10.06 -34.99 -4.84
C THR A 143 -8.65 -35.55 -4.70
N ARG A 144 -8.53 -36.85 -4.96
CA ARG A 144 -7.25 -37.53 -5.08
C ARG A 144 -7.14 -38.04 -6.51
N ALA A 145 -6.12 -37.58 -7.23
CA ALA A 145 -5.97 -37.94 -8.64
C ALA A 145 -4.51 -38.29 -8.92
N GLU A 146 -4.31 -39.01 -10.03
CA GLU A 146 -2.99 -39.36 -10.50
C GLU A 146 -2.97 -39.27 -12.02
N VAL A 147 -2.04 -38.48 -12.55
CA VAL A 147 -1.90 -38.29 -13.99
C VAL A 147 -0.67 -39.07 -14.41
N LYS A 148 -0.88 -40.27 -14.94
CA LYS A 148 0.19 -41.13 -15.42
C LYS A 148 0.04 -41.35 -16.92
N PHE A 149 0.95 -42.12 -17.49
CA PHE A 149 0.91 -42.47 -18.90
C PHE A 149 0.62 -43.96 -19.06
N GLU A 150 -0.09 -44.29 -20.14
CA GLU A 150 -0.41 -45.67 -20.48
C GLU A 150 -0.26 -45.80 -21.99
N GLY A 151 0.79 -46.51 -22.42
CA GLY A 151 1.16 -46.52 -23.82
C GLY A 151 1.70 -45.18 -24.23
N ASP A 152 1.06 -44.54 -25.22
CA ASP A 152 1.39 -43.17 -25.59
C ASP A 152 0.20 -42.25 -25.41
N THR A 153 -0.75 -42.62 -24.55
CA THR A 153 -1.95 -41.84 -24.27
C THR A 153 -1.94 -41.43 -22.80
N LEU A 154 -2.33 -40.19 -22.54
CA LEU A 154 -2.31 -39.64 -21.18
C LEU A 154 -3.58 -40.01 -20.44
N VAL A 155 -3.41 -40.44 -19.18
CA VAL A 155 -4.51 -40.91 -18.35
C VAL A 155 -4.52 -40.13 -17.05
N ASN A 156 -5.73 -39.83 -16.55
CA ASN A 156 -5.88 -39.10 -15.29
C ASN A 156 -7.17 -39.60 -14.64
N ARG A 157 -7.04 -40.50 -13.67
CA ARG A 157 -8.16 -41.06 -12.94
C ARG A 157 -8.26 -40.41 -11.57
N ILE A 158 -9.45 -39.94 -11.21
CA ILE A 158 -9.68 -39.15 -10.01
C ILE A 158 -10.70 -39.85 -9.14
N GLU A 159 -10.60 -39.60 -7.83
CA GLU A 159 -11.61 -40.00 -6.86
C GLU A 159 -12.03 -38.76 -6.08
N LEU A 160 -13.21 -38.23 -6.38
CA LEU A 160 -13.72 -37.03 -5.73
C LEU A 160 -14.65 -37.39 -4.60
N LYS A 161 -14.54 -36.67 -3.49
CA LYS A 161 -15.44 -36.81 -2.35
C LYS A 161 -15.97 -35.44 -1.99
N GLY A 162 -17.29 -35.28 -1.99
CA GLY A 162 -17.93 -34.02 -1.66
C GLY A 162 -18.67 -34.12 -0.33
N ALA A 163 -18.50 -33.10 0.51
CA ALA A 163 -18.95 -33.16 1.89
C ALA A 163 -19.78 -31.93 2.25
N ASP A 164 -20.86 -32.17 2.98
CA ASP A 164 -21.70 -31.14 3.60
C ASP A 164 -22.13 -30.06 2.61
N PHE A 165 -22.89 -30.49 1.60
CA PHE A 165 -23.47 -29.59 0.63
C PHE A 165 -24.96 -29.39 0.91
N ARG A 166 -25.41 -28.14 0.83
CA ARG A 166 -26.82 -27.85 0.98
C ARG A 166 -27.59 -28.42 -0.21
N GLU A 167 -28.58 -29.27 0.07
CA GLU A 167 -29.32 -29.93 -1.00
C GLU A 167 -29.98 -28.93 -1.93
N ASP A 168 -30.53 -27.84 -1.37
CA ASP A 168 -31.08 -26.76 -2.16
C ASP A 168 -30.04 -25.71 -2.51
N GLY A 169 -28.76 -25.99 -2.27
CA GLY A 169 -27.71 -25.06 -2.61
C GLY A 169 -27.48 -24.97 -4.10
N ASN A 170 -26.55 -24.10 -4.48
CA ASN A 170 -26.28 -23.83 -5.88
C ASN A 170 -25.64 -25.01 -6.60
N ILE A 171 -25.08 -25.97 -5.86
CA ILE A 171 -24.36 -27.08 -6.48
C ILE A 171 -25.29 -28.28 -6.62
N LEU A 172 -25.74 -28.83 -5.49
CA LEU A 172 -26.67 -29.94 -5.57
C LEU A 172 -28.03 -29.52 -6.11
N GLY A 173 -28.30 -28.23 -6.21
CA GLY A 173 -29.50 -27.70 -6.82
C GLY A 173 -29.34 -27.23 -8.26
N HIS A 174 -28.16 -27.45 -8.86
CA HIS A 174 -27.91 -27.16 -10.27
C HIS A 174 -28.33 -25.73 -10.64
N LYS A 175 -27.83 -24.76 -9.87
CA LYS A 175 -28.19 -23.36 -10.04
C LYS A 175 -27.03 -22.51 -10.56
N LEU A 176 -26.12 -23.13 -11.31
CA LEU A 176 -24.97 -22.45 -11.89
C LEU A 176 -25.08 -22.44 -13.41
N VAL A 177 -24.53 -21.37 -14.02
CA VAL A 177 -24.60 -21.24 -15.47
C VAL A 177 -23.60 -22.18 -16.13
N TYR A 178 -23.83 -22.42 -17.42
CA TYR A 178 -22.98 -23.33 -18.21
C TYR A 178 -21.94 -22.54 -19.00
N ASN A 179 -21.13 -21.78 -18.27
CA ASN A 179 -19.98 -21.10 -18.83
C ASN A 179 -18.76 -21.47 -17.98
N MET A 180 -17.61 -20.90 -18.30
CA MET A 180 -16.41 -21.31 -17.58
C MET A 180 -15.35 -20.21 -17.59
N VAL A 181 -15.53 -19.15 -16.79
CA VAL A 181 -16.78 -18.61 -16.25
C VAL A 181 -16.53 -17.09 -16.37
N THR A 182 -15.47 -16.52 -15.75
CA THR A 182 -14.60 -17.08 -14.66
C THR A 182 -14.14 -15.91 -13.76
N GLU A 183 -12.89 -15.48 -13.91
CA GLU A 183 -12.47 -14.22 -13.34
C GLU A 183 -13.36 -13.11 -13.87
N GLU A 184 -13.93 -12.32 -12.95
CA GLU A 184 -14.98 -11.39 -13.32
C GLU A 184 -15.00 -10.24 -12.33
N ARG A 185 -15.33 -9.04 -12.81
CA ARG A 185 -15.72 -8.80 -14.20
C ARG A 185 -15.41 -7.39 -14.67
N LEU A 186 -15.35 -6.40 -13.76
CA LEU A 186 -15.59 -5.05 -14.25
C LEU A 186 -14.95 -3.83 -13.57
N HIS A 187 -13.69 -3.86 -13.12
CA HIS A 187 -12.89 -5.00 -12.69
C HIS A 187 -12.51 -4.63 -11.26
N HIS A 188 -13.52 -4.46 -10.41
CA HIS A 188 -13.37 -3.73 -9.16
C HIS A 188 -12.13 -4.17 -8.37
N GLN A 189 -12.07 -5.45 -8.04
CA GLN A 189 -11.01 -6.03 -7.20
C GLN A 189 -9.62 -5.60 -7.66
N VAL A 190 -9.20 -6.12 -8.83
CA VAL A 190 -7.83 -5.91 -9.28
C VAL A 190 -7.55 -4.44 -9.56
N GLY A 191 -8.57 -3.67 -9.95
CA GLY A 191 -8.38 -2.23 -10.09
C GLY A 191 -7.90 -1.59 -8.81
N GLN A 192 -8.58 -1.91 -7.70
CA GLN A 192 -8.08 -1.50 -6.39
C GLN A 192 -6.70 -2.10 -6.13
N ARG A 193 -6.49 -3.35 -6.54
CA ARG A 193 -5.18 -3.98 -6.33
C ARG A 193 -4.11 -3.35 -7.23
N ALA A 194 -4.46 -3.05 -8.49
CA ALA A 194 -3.46 -2.51 -9.40
C ALA A 194 -2.99 -1.12 -8.98
N LEU A 195 -3.87 -0.32 -8.37
CA LEU A 195 -3.47 1.03 -7.98
C LEU A 195 -2.63 1.03 -6.71
N ILE A 196 -2.97 0.16 -5.74
CA ILE A 196 -2.18 0.06 -4.52
C ILE A 196 -0.74 -0.33 -4.85
N GLN A 197 -0.57 -1.30 -5.74
CA GLN A 197 0.77 -1.69 -6.17
C GLN A 197 1.52 -0.50 -6.76
N ALA A 198 0.83 0.31 -7.58
CA ALA A 198 1.48 1.46 -8.19
C ALA A 198 1.96 2.45 -7.15
N MET A 199 1.05 2.93 -6.30
CA MET A 199 1.39 3.97 -5.34
C MET A 199 2.48 3.50 -4.38
N GLN A 200 2.32 2.29 -3.81
CA GLN A 200 3.31 1.78 -2.88
C GLN A 200 4.71 1.76 -3.50
N ILE A 201 4.80 1.34 -4.76
CA ILE A 201 6.09 1.33 -5.44
C ILE A 201 6.62 2.76 -5.60
N SER A 202 5.75 3.69 -5.98
CA SER A 202 6.21 5.04 -6.29
C SER A 202 6.58 5.86 -5.07
N THR A 203 6.37 5.35 -3.85
CA THR A 203 6.81 6.03 -2.64
C THR A 203 8.02 5.37 -2.01
N MET A 204 8.64 4.42 -2.70
CA MET A 204 9.87 3.83 -2.21
C MET A 204 10.96 4.89 -2.14
N PRO A 205 11.53 5.17 -0.96
CA PRO A 205 12.51 6.27 -0.87
C PRO A 205 13.74 6.04 -1.72
N GLU A 206 14.23 4.80 -1.83
CA GLU A 206 15.37 4.57 -2.71
C GLU A 206 14.97 4.67 -4.18
N LEU A 207 13.70 4.45 -4.50
CA LEU A 207 13.26 4.57 -5.89
C LEU A 207 13.27 6.02 -6.34
N VAL A 208 12.74 6.92 -5.52
CA VAL A 208 12.69 8.33 -5.93
C VAL A 208 14.10 8.91 -6.04
N GLU A 209 15.02 8.45 -5.18
CA GLU A 209 16.43 8.82 -5.39
C GLU A 209 16.99 8.16 -6.65
N ALA A 210 16.52 6.95 -6.98
CA ALA A 210 17.02 6.24 -8.15
C ALA A 210 16.59 6.92 -9.43
N VAL A 211 15.28 7.11 -9.62
CA VAL A 211 14.76 7.77 -10.81
C VAL A 211 15.40 9.14 -11.00
N GLN A 212 15.61 9.86 -9.90
CA GLN A 212 16.16 11.22 -9.99
C GLN A 212 17.58 11.23 -10.52
N LYS A 213 18.37 10.21 -10.22
CA LYS A 213 19.71 10.07 -10.76
C LYS A 213 19.74 9.25 -12.04
N ARG A 214 18.59 8.84 -12.54
CA ARG A 214 18.49 8.02 -13.76
C ARG A 214 19.38 6.78 -13.66
N ASP A 215 19.42 6.19 -12.46
CA ASP A 215 20.19 4.97 -12.23
C ASP A 215 19.33 3.78 -12.62
N LEU A 216 19.47 3.34 -13.87
CA LEU A 216 18.72 2.18 -14.34
C LEU A 216 19.07 0.94 -13.52
N ALA A 217 20.35 0.78 -13.19
CA ALA A 217 20.78 -0.39 -12.42
C ALA A 217 20.07 -0.45 -11.07
N ARG A 218 20.13 0.64 -10.31
CA ARG A 218 19.48 0.65 -9.00
C ARG A 218 17.95 0.61 -9.13
N ILE A 219 17.40 1.16 -10.21
CA ILE A 219 15.96 1.07 -10.43
C ILE A 219 15.57 -0.38 -10.66
N LYS A 220 16.28 -1.06 -11.57
CA LYS A 220 15.97 -2.44 -11.89
C LYS A 220 16.15 -3.35 -10.68
N ALA A 221 17.19 -3.09 -9.86
CA ALA A 221 17.44 -3.91 -8.69
C ALA A 221 16.41 -3.69 -7.59
N LEU A 222 15.66 -2.59 -7.64
CA LEU A 222 14.61 -2.34 -6.67
C LEU A 222 13.26 -2.89 -7.10
N ILE A 223 13.11 -3.25 -8.38
CA ILE A 223 11.82 -3.60 -8.96
C ILE A 223 11.74 -5.08 -9.30
N ASP A 224 12.82 -5.65 -9.84
CA ASP A 224 12.85 -7.09 -10.06
C ASP A 224 12.46 -7.90 -8.83
N PRO A 225 12.81 -7.52 -7.59
CA PRO A 225 12.26 -8.23 -6.43
C PRO A 225 10.78 -7.99 -6.19
N MET A 226 10.19 -7.10 -6.95
CA MET A 226 8.78 -6.85 -6.83
C MET A 226 8.08 -8.02 -7.47
N ARG A 227 8.36 -8.22 -8.74
CA ARG A 227 7.79 -9.27 -9.53
C ARG A 227 8.19 -10.61 -9.03
N SER A 228 8.49 -10.70 -7.73
CA SER A 228 8.90 -11.94 -7.09
C SER A 228 7.79 -12.87 -7.32
N PHE A 229 6.73 -12.92 -6.52
CA PHE A 229 5.75 -13.85 -7.03
C PHE A 229 4.94 -13.16 -8.10
N PRO A 230 4.94 -13.63 -9.34
CA PRO A 230 4.28 -12.87 -10.41
C PRO A 230 2.80 -12.70 -10.17
N ASP A 231 2.30 -11.52 -10.51
CA ASP A 231 0.88 -11.20 -10.39
C ASP A 231 0.49 -10.24 -11.51
N ALA A 232 0.95 -9.00 -11.42
CA ALA A 232 0.70 -8.05 -12.49
C ALA A 232 1.52 -8.42 -13.73
N THR A 233 0.99 -8.05 -14.90
CA THR A 233 1.68 -8.37 -16.15
C THR A 233 2.96 -7.56 -16.28
N TYR A 234 2.92 -6.28 -15.91
CA TYR A 234 4.09 -5.43 -16.06
C TYR A 234 4.14 -4.39 -14.96
N ILE A 235 5.35 -3.95 -14.63
CA ILE A 235 5.60 -2.76 -13.84
C ILE A 235 6.52 -1.87 -14.66
N THR A 236 6.03 -0.69 -15.02
CA THR A 236 6.77 0.24 -15.87
C THR A 236 7.02 1.53 -15.09
N VAL A 237 8.25 2.04 -15.18
CA VAL A 237 8.63 3.27 -14.51
C VAL A 237 9.10 4.26 -15.57
N GLY A 238 8.49 5.44 -15.58
CA GLY A 238 8.90 6.49 -16.48
C GLY A 238 9.57 7.64 -15.75
N ASP A 239 10.35 8.43 -16.48
CA ASP A 239 10.90 9.66 -15.92
C ASP A 239 9.79 10.72 -15.94
N ALA A 240 10.15 11.97 -15.64
CA ALA A 240 9.15 13.04 -15.62
C ALA A 240 8.54 13.30 -16.99
N SER A 241 9.12 12.76 -18.06
CA SER A 241 8.64 12.99 -19.42
C SER A 241 8.02 11.74 -20.04
N GLY A 242 7.71 10.73 -19.22
CA GLY A 242 7.14 9.50 -19.72
C GLY A 242 8.11 8.55 -20.38
N GLN A 243 9.39 8.90 -20.47
CA GLN A 243 10.39 7.98 -21.01
C GLN A 243 10.54 6.79 -20.08
N ARG A 244 10.41 5.59 -20.63
CA ARG A 244 10.50 4.37 -19.83
C ARG A 244 11.92 4.23 -19.26
N LEU A 245 12.02 4.20 -17.94
CA LEU A 245 13.27 3.87 -17.28
C LEU A 245 13.33 2.40 -16.85
N TYR A 246 12.17 1.76 -16.66
CA TYR A 246 12.10 0.33 -16.43
C TYR A 246 10.86 -0.21 -17.11
N HIS A 247 11.03 -1.36 -17.77
CA HIS A 247 9.97 -2.05 -18.48
C HIS A 247 10.28 -3.53 -18.43
N VAL A 248 9.25 -4.36 -18.64
CA VAL A 248 9.45 -5.80 -18.56
C VAL A 248 10.26 -6.28 -19.75
N ASN A 249 10.00 -5.75 -20.94
CA ASN A 249 10.83 -6.04 -22.10
C ASN A 249 11.98 -5.04 -22.15
N PRO A 250 13.24 -5.48 -22.05
CA PRO A 250 14.34 -4.52 -21.87
C PRO A 250 14.66 -3.67 -23.09
N ASP A 251 14.29 -4.08 -24.30
CA ASP A 251 14.56 -3.20 -25.44
C ASP A 251 13.54 -2.08 -25.57
N GLU A 252 12.66 -1.91 -24.59
CA GLU A 252 11.76 -0.77 -24.51
C GLU A 252 12.18 0.23 -23.44
N ILE A 253 13.24 -0.05 -22.68
CA ILE A 253 13.85 0.97 -21.83
C ILE A 253 14.34 2.10 -22.71
N GLY A 254 14.24 3.32 -22.21
CA GLY A 254 14.62 4.48 -22.99
C GLY A 254 13.64 4.86 -24.08
N LYS A 255 12.67 4.01 -24.39
CA LYS A 255 11.55 4.39 -25.23
C LYS A 255 10.48 5.08 -24.38
N SER A 256 9.48 5.63 -25.05
CA SER A 256 8.45 6.42 -24.40
C SER A 256 7.17 5.61 -24.24
N MET A 257 6.59 5.66 -23.05
CA MET A 257 5.43 4.84 -22.72
C MET A 257 4.29 5.07 -23.73
N VAL A 258 3.50 4.03 -23.94
CA VAL A 258 2.45 4.03 -24.95
C VAL A 258 1.09 3.98 -24.25
N GLY A 259 0.17 4.81 -24.72
CA GLY A 259 -1.17 4.84 -24.15
C GLY A 259 -1.77 6.23 -24.09
N GLY A 260 -0.94 7.24 -23.86
CA GLY A 260 -1.43 8.60 -23.75
C GLY A 260 -2.37 8.82 -22.58
N ASP A 261 -2.14 8.13 -21.46
CA ASP A 261 -2.95 8.26 -20.26
C ASP A 261 -2.08 8.45 -19.04
N SER A 262 -0.97 9.18 -19.19
CA SER A 262 -0.06 9.42 -18.09
C SER A 262 0.26 10.89 -17.86
N ASP A 263 -0.38 11.80 -18.58
CA ASP A 263 -0.26 13.22 -18.26
C ASP A 263 -0.94 13.52 -16.93
N GLU A 264 -2.10 12.91 -16.69
CA GLU A 264 -2.85 13.17 -15.46
C GLU A 264 -2.05 12.82 -14.22
N ALA A 265 -1.05 11.95 -14.33
CA ALA A 265 -0.14 11.68 -13.22
C ALA A 265 1.11 12.55 -13.30
N LEU A 266 1.74 12.61 -14.47
CA LEU A 266 2.99 13.34 -14.66
C LEU A 266 2.82 14.85 -14.58
N ILE A 267 1.60 15.37 -14.51
CA ILE A 267 1.38 16.81 -14.56
C ILE A 267 0.58 17.26 -13.35
N ASN A 268 -0.36 16.42 -12.89
CA ASN A 268 -1.23 16.76 -11.78
C ASN A 268 -0.91 16.00 -10.50
N ALA A 269 0.07 15.08 -10.53
CA ALA A 269 0.49 14.34 -9.34
C ALA A 269 -0.66 13.58 -8.68
N LYS A 270 -1.63 13.15 -9.49
CA LYS A 270 -2.74 12.35 -9.00
C LYS A 270 -2.70 10.97 -9.65
N GLY A 271 -3.11 9.97 -8.89
CA GLY A 271 -3.02 8.58 -9.30
C GLY A 271 -4.39 7.98 -9.55
N TYR A 272 -4.49 7.16 -10.59
CA TYR A 272 -5.78 6.73 -11.11
C TYR A 272 -5.65 5.35 -11.71
N VAL A 273 -6.80 4.81 -12.12
CA VAL A 273 -6.89 3.57 -12.89
C VAL A 273 -7.25 3.94 -14.32
N SER A 274 -6.67 3.24 -15.30
CA SER A 274 -6.91 3.56 -16.69
C SER A 274 -6.85 2.29 -17.52
N VAL A 275 -7.62 2.30 -18.62
CA VAL A 275 -7.67 1.18 -19.56
C VAL A 275 -7.33 1.73 -20.94
N ARG A 276 -6.17 1.35 -21.46
CA ARG A 276 -5.75 1.79 -22.79
C ARG A 276 -4.71 0.81 -23.33
N LYS A 277 -4.41 0.96 -24.62
CA LYS A 277 -3.58 0.02 -25.35
C LYS A 277 -2.13 0.50 -25.33
N GLY A 278 -1.27 -0.25 -24.65
CA GLY A 278 0.15 0.02 -24.61
C GLY A 278 0.92 -0.86 -25.55
N SER A 279 2.22 -1.01 -25.26
CA SER A 279 3.07 -1.87 -26.08
C SER A 279 2.57 -3.30 -26.10
N LEU A 280 1.85 -3.72 -25.06
CA LEU A 280 1.37 -5.08 -24.92
C LEU A 280 -0.12 -5.23 -25.22
N GLY A 281 -0.70 -4.27 -25.94
CA GLY A 281 -2.11 -4.31 -26.21
C GLY A 281 -2.93 -3.73 -25.07
N SER A 282 -4.25 -3.98 -25.13
CA SER A 282 -5.18 -3.42 -24.16
C SER A 282 -4.77 -3.79 -22.74
N SER A 283 -4.90 -2.83 -21.83
CA SER A 283 -4.24 -2.92 -20.53
C SER A 283 -5.04 -2.13 -19.50
N LEU A 284 -5.29 -2.74 -18.35
CA LEU A 284 -5.80 -2.02 -17.18
C LEU A 284 -4.61 -1.67 -16.31
N ARG A 285 -4.36 -0.41 -16.14
CA ARG A 285 -3.25 -0.03 -15.40
C ARG A 285 -3.46 0.98 -14.39
N GLY A 286 -2.91 0.77 -13.22
CA GLY A 286 -2.88 1.75 -12.14
C GLY A 286 -1.62 2.57 -12.24
N LYS A 287 -1.76 3.89 -12.34
CA LYS A 287 -0.63 4.79 -12.47
C LYS A 287 -0.61 5.74 -11.28
N SER A 288 0.60 6.17 -10.90
CA SER A 288 0.75 7.02 -9.73
C SER A 288 2.08 7.75 -9.82
N PRO A 289 2.16 9.01 -9.42
CA PRO A 289 3.39 9.77 -9.59
C PRO A 289 4.45 9.41 -8.57
N ILE A 290 5.69 9.79 -8.88
CA ILE A 290 6.82 9.67 -7.98
C ILE A 290 7.23 11.07 -7.57
N LEU A 291 7.22 11.35 -6.27
CA LEU A 291 7.47 12.67 -5.74
C LEU A 291 8.77 12.71 -4.94
N ASP A 292 9.49 13.82 -5.02
CA ASP A 292 10.64 14.05 -4.17
C ASP A 292 10.19 14.76 -2.90
N ALA A 293 11.15 15.19 -2.07
CA ALA A 293 10.80 15.87 -0.83
C ALA A 293 10.10 17.20 -1.07
N THR A 294 10.23 17.77 -2.27
CA THR A 294 9.53 19.02 -2.58
C THR A 294 8.08 18.78 -2.92
N GLY A 295 7.79 17.68 -3.62
CA GLY A 295 6.45 17.42 -4.13
C GLY A 295 6.35 17.50 -5.63
N ARG A 296 7.47 17.72 -6.33
CA ARG A 296 7.48 17.66 -7.78
C ARG A 296 7.47 16.21 -8.23
N VAL A 297 6.76 15.93 -9.32
CA VAL A 297 6.75 14.59 -9.88
C VAL A 297 8.02 14.41 -10.72
N VAL A 298 8.86 13.47 -10.30
CA VAL A 298 10.06 13.15 -11.06
C VAL A 298 9.83 11.98 -12.00
N GLY A 299 8.71 11.29 -11.88
CA GLY A 299 8.42 10.16 -12.73
C GLY A 299 7.13 9.50 -12.31
N ILE A 300 6.82 8.40 -12.99
CA ILE A 300 5.57 7.68 -12.80
C ILE A 300 5.87 6.19 -12.81
N VAL A 301 5.09 5.42 -12.06
CA VAL A 301 5.07 3.97 -12.17
C VAL A 301 3.72 3.56 -12.72
N SER A 302 3.73 2.53 -13.55
CA SER A 302 2.51 1.97 -14.14
C SER A 302 2.51 0.48 -13.90
N VAL A 303 1.56 0.01 -13.09
CA VAL A 303 1.32 -1.41 -12.87
C VAL A 303 0.06 -1.77 -13.65
N GLY A 304 0.17 -2.77 -14.51
CA GLY A 304 -0.91 -3.08 -15.43
C GLY A 304 -1.19 -4.57 -15.49
N TYR A 305 -2.42 -4.87 -15.87
CA TYR A 305 -2.86 -6.23 -16.18
C TYR A 305 -3.43 -6.21 -17.60
N THR A 306 -2.98 -7.15 -18.42
CA THR A 306 -3.53 -7.26 -19.76
C THR A 306 -5.02 -7.54 -19.70
N ILE A 307 -5.77 -6.96 -20.64
CA ILE A 307 -7.19 -7.30 -20.74
C ILE A 307 -7.32 -8.78 -21.10
N GLU A 308 -6.34 -9.35 -21.78
CA GLU A 308 -6.35 -10.78 -22.05
C GLU A 308 -6.27 -11.58 -20.75
N GLN A 309 -5.25 -11.30 -19.94
CA GLN A 309 -5.04 -12.09 -18.72
C GLN A 309 -6.09 -11.80 -17.66
N LEU A 310 -6.79 -10.67 -17.73
CA LEU A 310 -7.90 -10.41 -16.83
C LEU A 310 -9.13 -11.24 -17.16
N GLU A 311 -9.28 -11.64 -18.42
CA GLU A 311 -10.32 -12.58 -18.81
C GLU A 311 -9.86 -14.02 -18.69
N SER A 312 -9.01 -14.32 -17.71
CA SER A 312 -8.40 -15.63 -17.60
C SER A 312 -8.36 -16.06 -16.13
N ASN A 313 -8.33 -17.37 -15.93
CA ASN A 313 -8.10 -17.96 -14.63
C ASN A 313 -6.61 -18.21 -14.44
N LEU A 314 -6.10 -17.83 -13.27
CA LEU A 314 -4.68 -17.88 -12.98
C LEU A 314 -4.43 -18.84 -11.83
N VAL A 315 -3.57 -19.83 -12.06
CA VAL A 315 -3.24 -20.84 -11.07
C VAL A 315 -1.84 -20.53 -10.53
N TYR A 316 -1.78 -20.01 -9.31
CA TYR A 316 -0.52 -19.59 -8.71
C TYR A 316 0.15 -20.80 -8.06
N ILE A 317 1.23 -21.28 -8.67
CA ILE A 317 1.92 -22.48 -8.20
C ILE A 317 3.32 -22.12 -7.71
N LYS A 318 3.72 -22.72 -6.60
CA LYS A 318 5.04 -22.57 -6.04
C LYS A 318 5.63 -23.95 -5.77
N ALA A 319 6.96 -24.03 -5.78
CA ALA A 319 7.63 -25.31 -5.60
C ALA A 319 7.58 -25.75 -4.14
N ASP A 320 7.74 -27.06 -3.93
CA ASP A 320 7.63 -27.67 -2.61
C ASP A 320 8.79 -28.65 -2.46
N LYS A 321 9.66 -28.39 -1.48
CA LYS A 321 10.80 -29.27 -1.25
C LYS A 321 10.47 -30.40 -0.27
N GLN A 322 9.76 -30.10 0.82
CA GLN A 322 9.45 -31.10 1.83
C GLN A 322 8.66 -32.28 1.26
N LYS A 323 7.94 -32.08 0.16
CA LYS A 323 7.25 -33.15 -0.53
C LYS A 323 7.81 -33.40 -1.94
N ASN A 324 8.85 -32.66 -2.32
CA ASN A 324 9.38 -32.67 -3.69
C ASN A 324 8.26 -32.56 -4.71
N GLY A 325 7.78 -31.34 -4.95
CA GLY A 325 6.70 -31.12 -5.89
C GLY A 325 6.29 -29.68 -5.90
N ILE A 326 4.99 -29.43 -6.07
CA ILE A 326 4.46 -28.07 -6.08
C ILE A 326 3.20 -28.01 -5.22
N LYS A 327 2.89 -26.79 -4.80
CA LYS A 327 1.57 -26.44 -4.29
C LYS A 327 0.99 -25.37 -5.21
N ALA A 328 -0.33 -25.24 -5.17
CA ALA A 328 -1.02 -24.31 -6.06
C ALA A 328 -2.20 -23.70 -5.33
N ASN A 329 -2.38 -22.39 -5.50
CA ASN A 329 -3.47 -21.66 -4.89
C ASN A 329 -4.19 -20.87 -5.97
N PHE A 330 -5.51 -21.00 -6.02
CA PHE A 330 -6.33 -20.18 -6.89
C PHE A 330 -7.79 -20.36 -6.47
N HIS A 331 -8.64 -19.51 -7.04
CA HIS A 331 -10.08 -19.59 -6.85
C HIS A 331 -10.75 -19.25 -8.17
N VAL A 332 -12.00 -19.69 -8.29
CA VAL A 332 -12.76 -19.50 -9.52
C VAL A 332 -14.18 -19.08 -9.15
N ARG A 333 -14.74 -18.17 -9.93
CA ARG A 333 -16.12 -17.77 -9.76
C ARG A 333 -17.02 -18.66 -10.61
N HIS A 334 -18.25 -18.85 -10.14
CA HIS A 334 -19.26 -19.62 -10.86
C HIS A 334 -20.54 -18.78 -10.85
N ASN A 335 -20.81 -18.12 -11.97
CA ASN A 335 -22.02 -17.32 -12.08
C ASN A 335 -23.25 -18.19 -11.83
N ILE A 336 -23.98 -17.88 -10.75
CA ILE A 336 -25.26 -18.53 -10.51
C ILE A 336 -26.32 -17.83 -11.35
N GLU A 337 -27.12 -18.61 -12.06
CA GLU A 337 -28.21 -18.01 -12.83
C GLU A 337 -29.26 -17.44 -11.89
N ASP A 338 -29.87 -16.33 -12.31
CA ASP A 338 -30.83 -15.53 -11.55
C ASP A 338 -30.20 -14.81 -10.38
N GLY A 339 -28.89 -14.89 -10.19
CA GLY A 339 -28.23 -14.36 -9.00
C GLY A 339 -26.89 -13.77 -9.30
N GLY A 340 -25.93 -14.00 -8.41
CA GLY A 340 -24.60 -13.44 -8.54
C GLY A 340 -23.50 -14.45 -8.79
N VAL A 341 -22.77 -14.82 -7.73
CA VAL A 341 -21.52 -15.57 -7.89
C VAL A 341 -21.36 -16.55 -6.74
N GLN A 342 -21.09 -17.81 -7.07
CA GLN A 342 -20.72 -18.84 -6.11
C GLN A 342 -19.22 -19.11 -6.27
N LEU A 343 -18.43 -18.62 -5.32
CA LEU A 343 -16.99 -18.73 -5.44
C LEU A 343 -16.51 -20.13 -5.03
N ALA A 344 -15.44 -20.58 -5.69
CA ALA A 344 -14.83 -21.87 -5.40
C ALA A 344 -13.33 -21.64 -5.20
N TYR A 345 -12.86 -21.85 -3.98
CA TYR A 345 -11.45 -21.67 -3.65
C TYR A 345 -10.74 -23.01 -3.74
N HIS A 346 -9.67 -23.06 -4.52
CA HIS A 346 -8.91 -24.27 -4.77
C HIS A 346 -7.58 -24.23 -4.02
N TYR A 347 -7.21 -25.36 -3.41
CA TYR A 347 -5.89 -25.55 -2.81
C TYR A 347 -5.33 -26.85 -3.35
N GLN A 348 -4.27 -26.73 -4.15
CA GLN A 348 -3.76 -27.84 -4.95
C GLN A 348 -2.33 -28.18 -4.54
N GLN A 349 -2.02 -29.48 -4.55
CA GLN A 349 -0.70 -29.97 -4.20
C GLN A 349 -0.39 -31.21 -5.03
N ASN A 350 0.78 -31.24 -5.65
CA ASN A 350 1.16 -32.31 -6.56
C ASN A 350 2.44 -32.98 -6.09
N THR A 351 2.47 -34.32 -6.21
CA THR A 351 3.63 -35.13 -5.83
C THR A 351 3.87 -36.15 -6.93
N PRO A 352 5.12 -36.30 -7.40
CA PRO A 352 5.38 -37.22 -8.51
C PRO A 352 5.32 -38.68 -8.09
N ILE A 353 4.86 -39.53 -9.02
CA ILE A 353 4.73 -40.95 -8.75
C ILE A 353 6.11 -41.59 -8.66
N GLY A 354 6.86 -41.57 -9.77
CA GLY A 354 8.21 -42.11 -9.77
C GLY A 354 9.19 -41.09 -9.24
N ASP A 355 10.00 -41.50 -8.28
CA ASP A 355 10.97 -40.60 -7.66
C ASP A 355 12.26 -40.55 -8.50
N GLY A 356 12.09 -40.20 -9.77
CA GLY A 356 13.20 -39.86 -10.62
C GLY A 356 13.66 -38.45 -10.34
N PRO A 357 14.44 -37.87 -11.25
CA PRO A 357 14.93 -36.50 -11.04
C PRO A 357 13.78 -35.51 -11.01
N VAL A 358 14.12 -34.27 -10.65
CA VAL A 358 13.12 -33.27 -10.32
C VAL A 358 12.98 -32.23 -11.43
N LEU A 359 12.12 -31.24 -11.20
CA LEU A 359 12.03 -30.01 -11.97
C LEU A 359 11.09 -29.06 -11.24
N LEU A 360 11.55 -28.48 -10.15
CA LEU A 360 10.71 -27.68 -9.26
C LEU A 360 10.84 -26.21 -9.61
N PRO A 361 9.75 -25.53 -9.93
CA PRO A 361 9.84 -24.21 -10.57
C PRO A 361 9.83 -23.06 -9.57
N ASP A 362 10.39 -21.93 -10.03
CA ASP A 362 10.22 -20.68 -9.32
C ASP A 362 8.81 -20.17 -9.49
N ASN A 363 8.43 -19.22 -8.62
CA ASN A 363 7.07 -18.70 -8.58
C ASN A 363 6.60 -18.25 -9.95
N HIS A 364 5.44 -18.74 -10.36
CA HIS A 364 4.83 -18.38 -11.63
C HIS A 364 3.38 -18.85 -11.60
N TYR A 365 2.69 -18.65 -12.72
CA TYR A 365 1.29 -19.02 -12.84
C TYR A 365 0.99 -19.48 -14.27
N LEU A 366 -0.19 -20.08 -14.44
CA LEU A 366 -0.72 -20.43 -15.74
C LEU A 366 -2.08 -19.77 -15.94
N SER A 367 -2.31 -19.26 -17.13
CA SER A 367 -3.54 -18.54 -17.46
C SER A 367 -4.45 -19.45 -18.28
N VAL A 368 -5.62 -19.78 -17.72
CA VAL A 368 -6.53 -20.72 -18.35
C VAL A 368 -7.69 -19.98 -19.01
N GLN A 369 -8.09 -20.45 -20.18
CA GLN A 369 -9.29 -19.98 -20.85
C GLN A 369 -10.03 -21.19 -21.38
N SER A 370 -11.24 -21.43 -20.86
CA SER A 370 -11.97 -22.65 -21.15
C SER A 370 -13.41 -22.33 -21.57
N GLU A 371 -13.97 -23.21 -22.38
CA GLU A 371 -15.31 -23.01 -22.95
C GLU A 371 -16.10 -24.30 -22.83
N LEU A 372 -17.32 -24.19 -22.32
CA LEU A 372 -18.22 -25.33 -22.16
C LEU A 372 -19.14 -25.41 -23.37
N SER A 373 -19.06 -26.50 -24.11
CA SER A 373 -19.87 -26.75 -25.28
C SER A 373 -20.78 -27.96 -25.04
N LYS A 374 -21.48 -28.38 -26.09
CA LYS A 374 -22.32 -29.57 -26.05
C LYS A 374 -22.26 -30.28 -27.40
N ASP A 375 -22.13 -31.60 -27.36
CA ASP A 375 -22.10 -32.39 -28.58
C ASP A 375 -23.50 -32.51 -29.14
N PRO A 376 -23.76 -32.06 -30.38
CA PRO A 376 -25.14 -32.00 -30.87
C PRO A 376 -25.80 -33.36 -31.02
N ASN A 377 -25.03 -34.45 -30.99
CA ASN A 377 -25.58 -35.79 -31.19
C ASN A 377 -25.51 -36.67 -29.96
N GLU A 378 -24.82 -36.24 -28.91
CA GLU A 378 -24.84 -36.99 -27.67
C GLU A 378 -26.08 -36.61 -26.85
N LYS A 379 -26.69 -37.62 -26.22
CA LYS A 379 -27.88 -37.42 -25.41
C LYS A 379 -27.66 -37.63 -23.93
N ARG A 380 -26.65 -38.41 -23.55
CA ARG A 380 -26.32 -38.57 -22.14
C ARG A 380 -25.81 -37.26 -21.58
N ASP A 381 -25.95 -37.10 -20.26
CA ASP A 381 -25.44 -35.92 -19.59
C ASP A 381 -23.93 -35.83 -19.79
N HIS A 382 -23.47 -34.72 -20.37
CA HIS A 382 -22.11 -34.66 -20.87
C HIS A 382 -21.63 -33.21 -20.88
N MET A 383 -20.42 -33.01 -21.40
CA MET A 383 -19.79 -31.70 -21.44
C MET A 383 -18.67 -31.73 -22.48
N VAL A 384 -18.61 -30.70 -23.31
CA VAL A 384 -17.57 -30.56 -24.33
C VAL A 384 -16.70 -29.38 -23.95
N LEU A 385 -15.47 -29.66 -23.53
CA LEU A 385 -14.59 -28.66 -22.95
C LEU A 385 -13.44 -28.37 -23.92
N GLN A 386 -13.34 -27.12 -24.36
CA GLN A 386 -12.16 -26.61 -25.05
C GLN A 386 -11.43 -25.67 -24.09
N GLU A 387 -10.12 -25.85 -23.98
CA GLU A 387 -9.35 -25.18 -22.93
C GLU A 387 -8.00 -24.73 -23.46
N HIS A 388 -7.64 -23.48 -23.15
CA HIS A 388 -6.36 -22.89 -23.48
C HIS A 388 -5.65 -22.53 -22.19
N VAL A 389 -4.38 -22.95 -22.06
CA VAL A 389 -3.59 -22.67 -20.86
C VAL A 389 -2.18 -22.26 -21.30
N THR A 390 -1.69 -21.15 -20.74
CA THR A 390 -0.35 -20.64 -21.04
C THR A 390 0.38 -20.29 -19.75
N ALA A 391 1.68 -20.58 -19.73
CA ALA A 391 2.52 -20.29 -18.57
C ALA A 391 3.18 -18.92 -18.74
N ALA A 392 2.91 -18.02 -17.81
CA ALA A 392 3.53 -16.71 -17.82
C ALA A 392 3.93 -16.32 -16.40
N GLY A 393 4.86 -15.37 -16.30
CA GLY A 393 5.30 -14.90 -15.00
C GLY A 393 6.75 -14.51 -14.92
N ILE A 394 7.59 -15.07 -15.79
CA ILE A 394 9.03 -14.82 -15.79
C ILE A 394 9.41 -14.27 -17.16
N THR A 395 10.05 -13.11 -17.18
CA THR A 395 10.35 -12.37 -18.40
C THR A 395 11.84 -12.43 -18.67
N LEU A 396 12.30 -13.55 -19.22
CA LEU A 396 13.70 -13.73 -19.56
C LEU A 396 13.87 -14.54 -20.84
N LEU B 25 -7.74 17.25 48.23
CA LEU B 25 -8.44 17.49 49.47
C LEU B 25 -7.84 16.67 50.62
N TYR B 26 -8.29 16.97 51.84
CA TYR B 26 -8.08 16.07 52.98
C TYR B 26 -9.42 15.37 53.23
N ASP B 27 -9.74 14.45 52.32
CA ASP B 27 -10.80 13.45 52.39
C ASP B 27 -11.04 12.93 50.98
N ASP B 28 -10.21 12.03 50.43
CA ASP B 28 -9.09 11.29 51.05
C ASP B 28 -9.50 10.54 52.32
N ASP B 29 -8.56 10.42 53.26
CA ASP B 29 -8.81 9.71 54.52
C ASP B 29 -9.22 8.26 54.27
N SER B 39 1.15 17.23 35.85
CA SER B 39 0.15 18.28 36.02
C SER B 39 0.53 19.21 37.16
N LYS B 40 1.82 19.22 37.51
CA LYS B 40 2.31 20.05 38.61
C LYS B 40 2.72 21.44 38.12
N GLY B 41 3.67 21.50 37.18
CA GLY B 41 4.14 22.77 36.66
C GLY B 41 3.19 23.46 35.71
N GLU B 42 2.09 22.80 35.30
CA GLU B 42 1.13 23.41 34.41
C GLU B 42 0.46 24.63 35.04
N GLU B 43 0.44 24.72 36.37
CA GLU B 43 -0.17 25.85 37.05
C GLU B 43 0.56 27.16 36.77
N LEU B 44 1.81 27.11 36.32
CA LEU B 44 2.59 28.30 36.07
C LEU B 44 2.27 28.97 34.75
N PHE B 45 1.27 28.49 34.01
CA PHE B 45 1.01 28.98 32.66
C PHE B 45 -0.42 29.47 32.43
N THR B 46 -1.26 29.52 33.46
CA THR B 46 -2.65 29.90 33.25
C THR B 46 -2.82 31.38 32.95
N GLY B 47 -1.81 32.19 33.25
CA GLY B 47 -1.80 33.61 32.90
C GLY B 47 -1.00 33.85 31.65
N VAL B 48 -0.28 34.97 31.63
CA VAL B 48 0.64 35.31 30.55
C VAL B 48 2.05 35.37 31.13
N VAL B 49 2.98 34.68 30.50
CA VAL B 49 4.35 34.56 30.97
C VAL B 49 5.24 35.40 30.06
N PRO B 50 6.17 36.19 30.60
CA PRO B 50 7.14 36.88 29.75
C PRO B 50 8.29 35.96 29.38
N ILE B 51 8.73 36.05 28.12
CA ILE B 51 9.78 35.20 27.59
C ILE B 51 11.03 36.03 27.32
N LEU B 52 12.19 35.44 27.62
CA LEU B 52 13.48 36.01 27.28
C LEU B 52 14.29 34.95 26.54
N ALA B 53 14.94 35.35 25.45
CA ALA B 53 15.67 34.41 24.61
C ALA B 53 17.03 34.98 24.25
N GLU B 54 18.06 34.14 24.35
CA GLU B 54 19.43 34.53 24.05
C GLU B 54 20.15 33.38 23.36
N LEU B 55 20.85 33.70 22.27
CA LEU B 55 21.48 32.68 21.44
C LEU B 55 22.82 33.18 20.93
N ASP B 56 23.87 32.38 21.13
CA ASP B 56 25.17 32.59 20.49
C ASP B 56 25.31 31.55 19.39
N GLY B 57 25.50 32.02 18.16
CA GLY B 57 25.59 31.14 17.00
C GLY B 57 26.97 31.20 16.37
N ASP B 58 27.40 30.07 15.83
CA ASP B 58 28.63 29.97 15.04
C ASP B 58 28.30 29.14 13.80
N VAL B 59 28.08 29.82 12.68
CA VAL B 59 27.78 29.18 11.41
C VAL B 59 28.96 29.45 10.47
N ASN B 60 29.69 28.39 10.12
CA ASN B 60 30.82 28.48 9.19
C ASN B 60 31.89 29.45 9.69
N GLY B 61 32.00 29.63 11.00
CA GLY B 61 32.90 30.59 11.58
C GLY B 61 32.29 31.95 11.84
N HIS B 62 31.24 32.31 11.09
CA HIS B 62 30.54 33.56 11.31
C HIS B 62 29.90 33.58 12.68
N LYS B 63 30.44 34.36 13.60
CA LYS B 63 29.93 34.44 14.96
C LYS B 63 28.85 35.51 15.06
N PHE B 64 27.79 35.21 15.81
CA PHE B 64 26.68 36.14 15.96
C PHE B 64 25.91 35.81 17.22
N SER B 65 25.10 36.77 17.66
CA SER B 65 24.27 36.62 18.85
C SER B 65 22.94 37.31 18.64
N VAL B 66 21.89 36.73 19.23
CA VAL B 66 20.52 37.21 19.04
C VAL B 66 19.82 37.24 20.39
N SER B 67 19.09 38.33 20.66
CA SER B 67 18.33 38.49 21.89
C SER B 67 16.86 38.71 21.57
N GLY B 68 15.98 38.26 22.46
CA GLY B 68 14.55 38.29 22.19
C GLY B 68 13.65 38.60 23.37
N GLU B 69 12.70 39.51 23.17
CA GLU B 69 11.68 39.86 24.16
C GLU B 69 10.31 39.39 23.68
N GLY B 70 9.42 39.13 24.61
CA GLY B 70 8.06 38.77 24.22
C GLY B 70 7.28 38.15 25.36
N GLU B 71 5.99 37.98 25.09
CA GLU B 71 5.03 37.41 26.02
C GLU B 71 4.40 36.16 25.42
N GLY B 72 3.87 35.30 26.31
CA GLY B 72 3.26 34.06 25.89
C GLY B 72 2.01 33.69 26.66
N ASP B 73 0.93 33.39 25.94
CA ASP B 73 -0.34 33.00 26.52
C ASP B 73 -0.56 31.52 26.23
N ALA B 74 -0.17 30.67 27.18
CA ALA B 74 -0.24 29.24 26.98
C ALA B 74 -1.68 28.73 26.96
N THR B 75 -2.61 29.45 27.57
CA THR B 75 -4.01 29.02 27.56
C THR B 75 -4.55 28.94 26.14
N TYR B 76 -4.04 29.77 25.24
CA TYR B 76 -4.48 29.81 23.85
C TYR B 76 -3.41 29.34 22.87
N GLY B 77 -2.24 28.94 23.36
CA GLY B 77 -1.15 28.60 22.46
C GLY B 77 -0.54 29.77 21.73
N LYS B 78 -0.91 30.99 22.08
CA LYS B 78 -0.40 32.18 21.42
C LYS B 78 0.98 32.54 21.96
N LEU B 79 1.79 33.15 21.11
CA LEU B 79 3.14 33.56 21.46
C LEU B 79 3.53 34.73 20.56
N THR B 80 4.09 35.79 21.16
CA THR B 80 4.57 36.94 20.41
C THR B 80 5.95 37.31 20.92
N MET B 81 6.88 37.53 20.00
CA MET B 81 8.25 37.83 20.37
C MET B 81 8.89 38.76 19.35
N LYS B 82 9.83 39.58 19.82
CA LYS B 82 10.66 40.42 18.97
C LYS B 82 12.11 40.02 19.19
N PHE B 83 12.75 39.53 18.14
CA PHE B 83 14.14 39.07 18.21
C PHE B 83 15.04 40.07 17.50
N ILE B 84 16.17 40.38 18.13
CA ILE B 84 17.14 41.35 17.63
C ILE B 84 18.52 40.72 17.61
N CYS B 85 19.25 40.94 16.53
CA CYS B 85 20.63 40.47 16.41
C CYS B 85 21.56 41.56 16.94
N THR B 86 22.16 41.30 18.10
CA THR B 86 22.92 42.31 18.82
C THR B 86 24.36 42.44 18.35
N THR B 87 24.74 41.81 17.24
CA THR B 87 26.12 41.84 16.77
C THR B 87 26.23 42.39 15.35
N GLY B 88 25.17 43.05 14.85
CA GLY B 88 25.21 43.62 13.53
C GLY B 88 24.21 43.00 12.59
N LYS B 89 24.66 42.61 11.40
CA LYS B 89 23.81 41.94 10.42
C LYS B 89 23.87 40.43 10.63
N LEU B 90 22.70 39.81 10.62
CA LEU B 90 22.58 38.38 10.89
C LEU B 90 23.16 37.58 9.72
N PRO B 91 24.12 36.68 9.95
CA PRO B 91 24.79 36.04 8.81
C PRO B 91 23.95 34.96 8.13
N VAL B 92 22.89 34.50 8.75
CA VAL B 92 22.03 33.46 8.18
C VAL B 92 20.65 34.08 7.95
N PRO B 93 19.74 33.41 7.25
CA PRO B 93 18.39 33.98 7.09
C PRO B 93 17.59 33.85 8.38
N TRP B 94 16.86 34.92 8.70
CA TRP B 94 16.02 34.92 9.89
C TRP B 94 15.09 33.72 10.01
N PRO B 95 14.39 33.27 8.96
CA PRO B 95 13.46 32.13 9.14
C PRO B 95 14.13 30.83 9.57
N THR B 96 15.45 30.69 9.41
CA THR B 96 16.09 29.44 9.83
C THR B 96 16.23 29.34 11.35
N LEU B 97 16.17 30.47 12.06
CA LEU B 97 16.34 30.49 13.50
C LEU B 97 15.02 30.40 14.26
N VAL B 98 13.89 30.40 13.56
CA VAL B 98 12.59 30.48 14.24
C VAL B 98 12.34 29.22 15.06
N THR B 99 12.72 28.05 14.52
CA THR B 99 12.45 26.81 15.23
C THR B 99 13.29 26.68 16.50
N THR B 100 14.54 27.13 16.46
CA THR B 100 15.37 27.03 17.66
C THR B 100 15.05 28.14 18.65
N LEU B 101 14.76 29.33 18.17
CA LEU B 101 14.41 30.46 19.04
C LEU B 101 13.05 30.22 19.69
N1 CRO B 102 12.10 29.74 18.87
CA1 CRO B 102 10.94 29.26 19.59
CB1 CRO B 102 9.71 30.06 19.14
CG1 CRO B 102 9.81 31.48 19.71
OG1 CRO B 102 9.68 30.13 17.75
C1 CRO B 102 10.71 27.77 19.32
N2 CRO B 102 9.91 27.22 18.39
N3 CRO B 102 11.29 26.75 19.98
C2 CRO B 102 10.84 25.63 19.48
O2 CRO B 102 11.17 24.54 19.83
CA2 CRO B 102 9.94 25.91 18.51
CA3 CRO B 102 12.25 26.86 21.06
C3 CRO B 102 11.56 26.78 22.40
O3 CRO B 102 12.02 26.13 23.27
CB2 CRO B 102 9.38 24.97 17.79
CG2 CRO B 102 8.77 25.14 16.40
CD1 CRO B 102 8.59 26.39 15.82
CD2 CRO B 102 8.45 24.00 15.68
CE1 CRO B 102 8.04 26.49 14.55
CE2 CRO B 102 7.90 24.10 14.41
CZ CRO B 102 7.70 25.36 13.85
OH CRO B 102 7.16 25.46 12.56
N VAL B 103 10.41 27.45 22.62
CA VAL B 103 9.76 27.37 23.91
C VAL B 103 8.44 26.62 23.76
N GLN B 104 8.55 25.33 23.44
CA GLN B 104 7.38 24.48 23.19
C GLN B 104 6.54 24.31 24.45
N CYS B 105 6.98 24.92 25.55
CA CYS B 105 6.16 24.99 26.76
C CYS B 105 4.92 25.86 26.56
N PHE B 106 4.85 26.63 25.47
CA PHE B 106 3.78 27.61 25.26
C PHE B 106 2.74 27.11 24.27
N SER B 107 2.38 25.83 24.33
CA SER B 107 1.45 25.24 23.39
C SER B 107 0.15 24.89 24.11
N ARG B 108 -0.97 25.15 23.45
CA ARG B 108 -2.27 24.79 24.01
C ARG B 108 -2.46 23.28 23.94
N TYR B 109 -2.53 22.63 25.11
CA TYR B 109 -2.86 21.21 25.19
C TYR B 109 -4.31 21.08 25.60
N PRO B 110 -5.17 20.49 24.76
CA PRO B 110 -6.56 20.29 25.18
C PRO B 110 -6.66 19.52 26.48
N ASP B 111 -7.63 19.91 27.31
CA ASP B 111 -7.73 19.40 28.68
C ASP B 111 -7.86 17.88 28.73
N HIS B 112 -8.20 17.22 27.62
CA HIS B 112 -8.32 15.78 27.60
C HIS B 112 -6.99 15.07 27.39
N MET B 113 -6.06 15.69 26.65
CA MET B 113 -4.73 15.15 26.47
C MET B 113 -3.68 15.95 27.22
N ARG B 114 -4.10 16.62 28.30
CA ARG B 114 -3.17 17.40 29.12
C ARG B 114 -2.14 16.51 29.81
N GLN B 115 -2.44 15.22 29.96
CA GLN B 115 -1.51 14.25 30.54
C GLN B 115 -0.31 13.99 29.67
N HIS B 116 -0.12 14.77 28.60
CA HIS B 116 0.97 14.55 27.65
C HIS B 116 1.88 15.77 27.48
N ASP B 117 1.62 16.86 28.19
CA ASP B 117 2.46 18.07 28.09
C ASP B 117 3.71 17.88 28.93
N PHE B 118 4.67 17.15 28.37
CA PHE B 118 5.98 17.01 29.01
C PHE B 118 6.64 18.37 29.22
N PHE B 119 6.35 19.33 28.34
CA PHE B 119 7.05 20.61 28.36
C PHE B 119 6.74 21.38 29.64
N LYS B 120 5.46 21.70 29.86
CA LYS B 120 5.08 22.35 31.11
C LYS B 120 5.33 21.46 32.32
N SER B 121 5.49 20.16 32.10
CA SER B 121 5.76 19.26 33.21
C SER B 121 7.15 19.50 33.81
N ALA B 122 8.17 19.69 32.97
CA ALA B 122 9.53 19.86 33.47
C ALA B 122 9.72 21.18 34.22
N MET B 123 8.80 22.14 34.06
CA MET B 123 8.91 23.40 34.76
C MET B 123 8.57 23.20 36.25
N PRO B 124 9.09 24.07 37.14
CA PRO B 124 9.86 25.30 36.89
C PRO B 124 11.35 25.07 36.63
N GLU B 125 11.89 23.92 37.03
CA GLU B 125 13.30 23.64 36.81
C GLU B 125 13.65 23.76 35.33
N GLY B 126 12.99 22.97 34.50
CA GLY B 126 13.07 23.12 33.06
C GLY B 126 13.61 21.88 32.39
N TYR B 127 13.79 22.01 31.07
CA TYR B 127 14.39 20.97 30.25
C TYR B 127 15.50 21.58 29.41
N ILE B 128 16.37 20.73 28.89
CA ILE B 128 17.36 21.11 27.89
C ILE B 128 16.92 20.50 26.57
N GLN B 129 16.90 21.33 25.52
CA GLN B 129 16.34 20.95 24.22
C GLN B 129 17.47 20.92 23.21
N GLU B 130 18.08 19.75 23.04
CA GLU B 130 19.09 19.52 22.02
C GLU B 130 18.42 19.17 20.70
N ARG B 131 19.04 19.60 19.60
CA ARG B 131 18.39 19.45 18.31
C ARG B 131 19.43 19.59 17.20
N THR B 132 19.27 18.77 16.16
CA THR B 132 20.09 18.85 14.95
C THR B 132 19.17 19.14 13.77
N ILE B 133 19.46 20.22 13.04
CA ILE B 133 18.68 20.61 11.87
C ILE B 133 19.52 20.39 10.63
N PHE B 134 18.94 19.68 9.65
CA PHE B 134 19.64 19.33 8.42
C PHE B 134 18.99 20.07 7.25
N PHE B 135 19.78 20.88 6.57
CA PHE B 135 19.32 21.64 5.40
C PHE B 135 19.73 20.86 4.15
N LYS B 136 18.82 20.01 3.69
CA LYS B 136 19.06 19.12 2.56
C LYS B 136 19.69 19.86 1.38
N GLY B 137 20.97 19.58 1.12
CA GLY B 137 21.72 20.28 0.10
C GLY B 137 22.74 21.26 0.64
N ASP B 138 22.81 21.45 1.95
CA ASP B 138 23.74 22.41 2.53
C ASP B 138 24.22 21.95 3.91
N GLY B 139 24.47 22.91 4.80
CA GLY B 139 25.02 22.62 6.10
C GLY B 139 23.97 22.21 7.11
N ASN B 140 24.38 22.24 8.38
CA ASN B 140 23.55 21.79 9.48
C ASN B 140 23.72 22.68 10.69
N TYR B 141 22.61 22.94 11.38
CA TYR B 141 22.65 23.48 12.74
C TYR B 141 22.52 22.33 13.73
N LYS B 142 23.28 22.40 14.82
CA LYS B 142 23.10 21.50 15.95
C LYS B 142 23.07 22.36 17.20
N THR B 143 21.89 22.45 17.81
CA THR B 143 21.58 23.47 18.80
C THR B 143 21.26 22.83 20.14
N ARG B 144 21.84 23.36 21.21
CA ARG B 144 21.52 22.96 22.57
C ARG B 144 20.99 24.18 23.32
N ALA B 145 19.84 24.04 23.96
CA ALA B 145 19.22 25.12 24.68
C ALA B 145 18.84 24.66 26.08
N GLU B 146 18.68 25.64 26.98
CA GLU B 146 18.15 25.41 28.31
C GLU B 146 16.89 26.24 28.46
N VAL B 147 15.75 25.57 28.61
CA VAL B 147 14.46 26.24 28.75
C VAL B 147 14.05 26.11 30.20
N LYS B 148 14.30 27.15 30.99
CA LYS B 148 13.99 27.18 32.41
C LYS B 148 13.21 28.44 32.74
N PHE B 149 12.66 28.45 33.95
CA PHE B 149 12.06 29.65 34.52
C PHE B 149 13.10 30.38 35.36
N GLU B 150 13.08 31.70 35.31
CA GLU B 150 13.95 32.54 36.11
C GLU B 150 13.08 33.62 36.74
N GLY B 151 12.74 33.45 38.00
CA GLY B 151 11.74 34.31 38.61
C GLY B 151 10.39 34.01 37.98
N ASP B 152 9.79 35.01 37.36
CA ASP B 152 8.53 34.84 36.64
C ASP B 152 8.70 34.80 35.13
N THR B 153 9.94 34.76 34.65
CA THR B 153 10.25 34.86 33.23
C THR B 153 10.77 33.53 32.71
N LEU B 154 10.16 33.03 31.65
CA LEU B 154 10.67 31.89 30.92
C LEU B 154 11.84 32.33 30.05
N VAL B 155 12.98 31.65 30.17
CA VAL B 155 14.17 31.98 29.41
C VAL B 155 14.49 30.84 28.45
N ASN B 156 14.99 31.20 27.27
CA ASN B 156 15.43 30.26 26.25
C ASN B 156 16.87 30.62 25.90
N ARG B 157 17.83 29.96 26.53
CA ARG B 157 19.25 30.24 26.34
C ARG B 157 19.82 29.16 25.42
N ILE B 158 20.33 29.58 24.26
CA ILE B 158 20.62 28.67 23.16
C ILE B 158 22.06 28.83 22.72
N GLU B 159 22.70 27.71 22.38
CA GLU B 159 24.01 27.68 21.74
C GLU B 159 23.86 26.96 20.41
N LEU B 160 24.35 27.58 19.33
CA LEU B 160 24.15 27.06 17.98
C LEU B 160 25.50 26.92 17.28
N LYS B 161 25.64 25.83 16.52
CA LYS B 161 26.84 25.57 15.74
C LYS B 161 26.44 25.15 14.33
N GLY B 162 26.79 25.96 13.35
CA GLY B 162 26.52 25.67 11.95
C GLY B 162 27.82 25.34 11.22
N ALA B 163 27.79 24.28 10.42
CA ALA B 163 28.98 23.81 9.73
C ALA B 163 28.60 23.26 8.36
N ASP B 164 29.62 23.13 7.50
CA ASP B 164 29.47 22.55 6.17
C ASP B 164 28.47 23.33 5.32
N PHE B 165 28.45 24.65 5.49
CA PHE B 165 27.52 25.52 4.77
C PHE B 165 28.20 26.14 3.57
N ARG B 166 27.59 26.02 2.40
CA ARG B 166 28.07 26.72 1.22
C ARG B 166 27.82 28.22 1.38
N GLU B 167 28.87 29.02 1.16
CA GLU B 167 28.73 30.47 1.33
C GLU B 167 27.85 31.07 0.24
N ASP B 168 27.97 30.59 -0.99
CA ASP B 168 27.03 31.01 -2.02
C ASP B 168 25.67 30.35 -1.87
N GLY B 169 25.53 29.42 -0.94
CA GLY B 169 24.29 28.68 -0.74
C GLY B 169 23.13 29.53 -0.29
N ASN B 170 21.96 28.90 -0.13
CA ASN B 170 20.74 29.65 0.20
C ASN B 170 20.77 30.22 1.61
N ILE B 171 21.52 29.59 2.52
CA ILE B 171 21.65 30.07 3.88
C ILE B 171 22.52 31.31 3.91
N LEU B 172 23.84 31.12 3.74
CA LEU B 172 24.78 32.23 3.78
C LEU B 172 24.61 33.21 2.63
N GLY B 173 23.84 32.86 1.60
CA GLY B 173 23.53 33.75 0.51
C GLY B 173 22.25 34.53 0.67
N HIS B 174 21.52 34.33 1.76
CA HIS B 174 20.30 35.06 2.07
C HIS B 174 19.30 35.01 0.93
N LYS B 175 19.00 33.78 0.48
CA LYS B 175 18.09 33.54 -0.62
C LYS B 175 16.77 32.94 -0.17
N LEU B 176 16.37 33.21 1.08
CA LEU B 176 15.16 32.65 1.66
C LEU B 176 14.13 33.73 1.89
N VAL B 177 12.88 33.45 1.50
CA VAL B 177 11.80 34.42 1.66
C VAL B 177 11.53 34.66 3.14
N TYR B 178 11.01 35.85 3.46
CA TYR B 178 10.78 36.26 4.84
C TYR B 178 9.34 35.91 5.22
N ASN B 179 9.15 34.65 5.61
CA ASN B 179 7.86 34.15 6.06
C ASN B 179 8.07 32.75 6.61
N MET B 180 7.00 32.19 7.16
CA MET B 180 7.03 30.81 7.61
C MET B 180 5.96 29.98 6.91
N VAL B 181 6.04 29.87 5.57
CA VAL B 181 5.14 29.03 4.79
C VAL B 181 5.35 27.57 5.16
N THR B 182 6.28 27.33 6.07
CA THR B 182 6.65 26.02 6.62
C THR B 182 6.33 24.83 5.73
N GLU B 183 5.06 24.48 5.61
CA GLU B 183 4.68 23.27 4.88
C GLU B 183 3.98 23.63 3.58
N GLU B 184 4.71 24.24 2.69
CA GLU B 184 4.19 24.61 1.43
C GLU B 184 3.57 23.41 0.80
N ARG B 185 2.69 23.63 -0.16
CA ARG B 185 2.06 22.54 -0.81
C ARG B 185 0.92 22.77 -1.71
N LEU B 186 1.00 22.02 -2.79
CA LEU B 186 -0.13 21.70 -3.65
C LEU B 186 -0.80 20.40 -3.22
N HIS B 187 -0.48 19.92 -2.01
CA HIS B 187 -1.01 18.67 -1.47
C HIS B 187 -0.67 17.48 -2.36
N HIS B 188 0.57 17.45 -2.86
CA HIS B 188 1.02 16.30 -3.64
C HIS B 188 1.39 15.13 -2.75
N GLN B 189 2.34 15.34 -1.83
CA GLN B 189 2.78 14.27 -0.95
C GLN B 189 1.64 13.77 -0.08
N VAL B 190 1.01 14.68 0.66
CA VAL B 190 -0.08 14.26 1.53
C VAL B 190 -1.27 13.72 0.76
N GLY B 191 -1.47 14.11 -0.50
CA GLY B 191 -2.53 13.50 -1.26
C GLY B 191 -2.19 12.06 -1.57
N GLN B 192 -0.98 11.87 -2.11
CA GLN B 192 -0.46 10.52 -2.33
C GLN B 192 -0.46 9.72 -1.03
N ARG B 193 -0.07 10.36 0.07
CA ARG B 193 -0.06 9.68 1.36
C ARG B 193 -1.48 9.30 1.79
N ALA B 194 -2.44 10.21 1.60
CA ALA B 194 -3.80 9.96 2.04
C ALA B 194 -4.39 8.74 1.33
N LEU B 195 -4.43 8.78 -0.01
CA LEU B 195 -5.09 7.72 -0.77
C LEU B 195 -4.46 6.35 -0.50
N ILE B 196 -3.15 6.30 -0.25
CA ILE B 196 -2.50 5.03 0.03
C ILE B 196 -3.09 4.40 1.28
N GLN B 197 -2.93 5.07 2.43
CA GLN B 197 -3.47 4.52 3.66
C GLN B 197 -4.99 4.41 3.60
N ALA B 198 -5.65 5.27 2.82
CA ALA B 198 -7.08 5.14 2.62
C ALA B 198 -7.42 3.81 1.98
N MET B 199 -6.74 3.46 0.88
CA MET B 199 -7.07 2.22 0.19
C MET B 199 -6.28 1.02 0.71
N GLN B 200 -5.18 1.23 1.43
CA GLN B 200 -4.58 0.13 2.17
C GLN B 200 -5.54 -0.38 3.23
N ILE B 201 -6.17 0.55 3.97
CA ILE B 201 -7.10 0.17 5.03
C ILE B 201 -8.29 -0.58 4.45
N SER B 202 -8.83 -0.11 3.32
CA SER B 202 -10.05 -0.68 2.77
C SER B 202 -9.87 -2.11 2.28
N THR B 203 -8.65 -2.65 2.27
CA THR B 203 -8.38 -3.99 1.79
C THR B 203 -8.09 -4.98 2.91
N MET B 204 -8.18 -4.56 4.17
CA MET B 204 -7.95 -5.48 5.28
C MET B 204 -9.03 -6.56 5.30
N PRO B 205 -8.65 -7.82 5.48
CA PRO B 205 -9.66 -8.89 5.41
C PRO B 205 -10.67 -8.85 6.55
N GLU B 206 -10.29 -8.32 7.71
CA GLU B 206 -11.26 -8.21 8.80
C GLU B 206 -12.22 -7.05 8.55
N LEU B 207 -11.71 -5.95 7.99
CA LEU B 207 -12.58 -4.81 7.69
C LEU B 207 -13.67 -5.21 6.71
N VAL B 208 -13.34 -6.00 5.69
CA VAL B 208 -14.36 -6.40 4.72
C VAL B 208 -15.45 -7.22 5.40
N GLU B 209 -15.06 -8.06 6.37
CA GLU B 209 -16.05 -8.90 7.04
C GLU B 209 -16.72 -8.18 8.20
N ALA B 210 -15.98 -7.33 8.92
CA ALA B 210 -16.58 -6.61 10.04
C ALA B 210 -17.61 -5.61 9.57
N VAL B 211 -17.35 -4.95 8.44
CA VAL B 211 -18.28 -3.94 7.92
C VAL B 211 -19.54 -4.59 7.37
N GLN B 212 -19.45 -5.84 6.93
CA GLN B 212 -20.63 -6.49 6.36
C GLN B 212 -21.62 -6.88 7.44
N LYS B 213 -21.17 -7.61 8.46
CA LYS B 213 -22.07 -7.92 9.57
C LYS B 213 -22.20 -6.76 10.56
N ARG B 214 -21.64 -5.59 10.23
CA ARG B 214 -21.84 -4.36 10.99
C ARG B 214 -21.37 -4.47 12.44
N ASP B 215 -20.32 -5.26 12.68
CA ASP B 215 -19.73 -5.33 14.02
C ASP B 215 -19.06 -4.00 14.32
N LEU B 216 -19.86 -3.04 14.78
CA LEU B 216 -19.31 -1.75 15.17
C LEU B 216 -18.32 -1.88 16.31
N ALA B 217 -18.52 -2.89 17.18
CA ALA B 217 -17.70 -3.01 18.38
C ALA B 217 -16.22 -3.18 18.03
N ARG B 218 -15.91 -4.11 17.13
CA ARG B 218 -14.53 -4.46 16.84
C ARG B 218 -14.08 -4.01 15.46
N ILE B 219 -14.86 -3.19 14.77
CA ILE B 219 -14.27 -2.41 13.68
C ILE B 219 -13.47 -1.25 14.24
N LYS B 220 -13.94 -0.67 15.36
CA LYS B 220 -13.14 0.29 16.09
C LYS B 220 -11.84 -0.36 16.56
N ALA B 221 -11.91 -1.62 16.98
CA ALA B 221 -10.71 -2.34 17.40
C ALA B 221 -9.71 -2.49 16.25
N LEU B 222 -10.16 -2.37 15.01
CA LEU B 222 -9.27 -2.51 13.86
C LEU B 222 -8.67 -1.20 13.39
N ILE B 223 -9.30 -0.08 13.74
CA ILE B 223 -8.86 1.23 13.27
C ILE B 223 -8.26 2.08 14.38
N ASP B 224 -8.66 1.86 15.64
CA ASP B 224 -7.97 2.52 16.74
C ASP B 224 -6.46 2.30 16.72
N PRO B 225 -5.94 1.08 16.50
CA PRO B 225 -4.47 0.93 16.39
C PRO B 225 -3.86 1.67 15.21
N MET B 226 -4.68 2.20 14.28
CA MET B 226 -4.13 3.09 13.27
C MET B 226 -3.80 4.46 13.84
N ARG B 227 -4.49 4.86 14.92
CA ARG B 227 -4.44 6.21 15.45
C ARG B 227 -3.44 6.37 16.59
N SER B 228 -2.63 5.35 16.89
CA SER B 228 -1.63 5.47 17.95
C SER B 228 -0.29 6.00 17.44
N PHE B 229 -0.12 6.11 16.13
CA PHE B 229 0.97 6.88 15.53
C PHE B 229 0.35 7.86 14.54
N PRO B 230 -0.33 8.92 15.04
CA PRO B 230 -0.94 9.90 14.16
C PRO B 230 -0.07 11.14 13.97
N ASP B 231 -0.08 11.87 12.85
CA ASP B 231 -0.63 11.55 11.50
C ASP B 231 -2.14 11.48 11.28
N ALA B 232 -2.56 12.00 10.12
CA ALA B 232 -3.96 12.06 9.70
C ALA B 232 -4.79 12.91 10.65
N THR B 233 -6.03 13.21 10.28
CA THR B 233 -6.98 13.81 11.19
C THR B 233 -8.04 12.81 11.62
N TYR B 234 -8.78 12.26 10.65
CA TYR B 234 -9.88 11.36 10.92
C TYR B 234 -9.79 10.15 10.02
N ILE B 235 -10.28 9.01 10.52
CA ILE B 235 -10.59 7.85 9.71
C ILE B 235 -12.10 7.67 9.74
N THR B 236 -12.69 7.51 8.57
CA THR B 236 -14.12 7.25 8.46
C THR B 236 -14.34 5.99 7.66
N VAL B 237 -15.23 5.13 8.15
CA VAL B 237 -15.65 3.93 7.43
C VAL B 237 -17.16 4.03 7.24
N GLY B 238 -17.57 4.26 6.00
CA GLY B 238 -18.98 4.25 5.68
C GLY B 238 -19.47 2.87 5.30
N ASP B 239 -20.79 2.73 5.23
CA ASP B 239 -21.39 1.48 4.78
C ASP B 239 -21.66 1.58 3.28
N ALA B 240 -22.46 0.64 2.75
CA ALA B 240 -22.74 0.63 1.32
C ALA B 240 -23.50 1.88 0.89
N SER B 241 -24.31 2.45 1.79
CA SER B 241 -25.04 3.68 1.52
C SER B 241 -24.44 4.88 2.25
N GLY B 242 -23.13 4.86 2.49
CA GLY B 242 -22.45 6.02 3.02
C GLY B 242 -22.78 6.38 4.45
N GLN B 243 -23.40 5.48 5.21
CA GLN B 243 -23.64 5.72 6.63
C GLN B 243 -22.37 5.43 7.43
N ARG B 244 -22.05 6.32 8.37
CA ARG B 244 -20.83 6.18 9.14
C ARG B 244 -20.90 4.93 10.02
N LEU B 245 -19.90 4.06 9.89
CA LEU B 245 -19.71 2.94 10.80
C LEU B 245 -18.68 3.25 11.88
N TYR B 246 -17.71 4.11 11.58
CA TYR B 246 -16.65 4.48 12.51
C TYR B 246 -16.30 5.94 12.27
N HIS B 247 -16.08 6.68 13.35
CA HIS B 247 -15.63 8.05 13.24
C HIS B 247 -14.79 8.41 14.45
N VAL B 248 -13.98 9.46 14.29
CA VAL B 248 -13.13 9.92 15.39
C VAL B 248 -14.00 10.47 16.53
N ASN B 249 -15.00 11.27 16.19
CA ASN B 249 -16.03 11.64 17.15
C ASN B 249 -17.12 10.58 17.11
N PRO B 250 -17.29 9.76 18.16
CA PRO B 250 -18.27 8.68 18.09
C PRO B 250 -19.71 9.16 17.98
N ASP B 251 -20.01 10.40 18.34
CA ASP B 251 -21.35 10.96 18.19
C ASP B 251 -21.85 10.84 16.75
N GLU B 252 -20.94 10.74 15.78
CA GLU B 252 -21.30 10.74 14.38
C GLU B 252 -21.55 9.35 13.80
N ILE B 253 -21.27 8.29 14.56
CA ILE B 253 -21.53 6.94 14.07
C ILE B 253 -23.03 6.75 13.89
N GLY B 254 -23.44 6.37 12.68
CA GLY B 254 -24.84 6.24 12.36
C GLY B 254 -25.42 7.40 11.61
N LYS B 255 -24.65 8.46 11.37
CA LYS B 255 -25.08 9.60 10.57
C LYS B 255 -24.50 9.49 9.16
N SER B 256 -25.12 10.21 8.24
CA SER B 256 -24.67 10.21 6.85
C SER B 256 -23.36 11.00 6.71
N MET B 257 -22.44 10.46 5.92
CA MET B 257 -21.16 11.12 5.71
C MET B 257 -21.36 12.43 4.96
N VAL B 258 -20.63 13.46 5.38
CA VAL B 258 -20.83 14.83 4.92
C VAL B 258 -19.78 15.17 3.88
N GLY B 259 -20.22 15.66 2.72
CA GLY B 259 -19.28 16.10 1.70
C GLY B 259 -19.76 15.94 0.27
N GLY B 260 -20.73 15.04 0.05
CA GLY B 260 -21.26 14.82 -1.28
C GLY B 260 -20.21 14.44 -2.31
N ASP B 261 -19.38 13.45 -1.97
CA ASP B 261 -18.34 12.99 -2.87
C ASP B 261 -17.90 11.57 -2.50
N SER B 262 -18.84 10.78 -1.99
CA SER B 262 -18.59 9.39 -1.65
C SER B 262 -19.19 8.43 -2.67
N ASP B 263 -19.93 8.93 -3.65
CA ASP B 263 -20.61 8.04 -4.59
C ASP B 263 -19.66 7.49 -5.64
N GLU B 264 -18.72 8.31 -6.12
CA GLU B 264 -17.72 7.82 -7.06
C GLU B 264 -16.97 6.61 -6.50
N ALA B 265 -16.80 6.56 -5.18
CA ALA B 265 -16.22 5.38 -4.55
C ALA B 265 -17.26 4.30 -4.31
N LEU B 266 -18.46 4.68 -3.85
CA LEU B 266 -19.46 3.71 -3.44
C LEU B 266 -20.27 3.14 -4.60
N ILE B 267 -20.15 3.71 -5.80
CA ILE B 267 -20.89 3.25 -6.96
C ILE B 267 -19.98 2.67 -8.02
N ASN B 268 -18.83 3.32 -8.26
CA ASN B 268 -17.89 2.88 -9.30
C ASN B 268 -16.66 2.21 -8.72
N ALA B 269 -16.62 1.98 -7.41
CA ALA B 269 -15.49 1.31 -6.75
C ALA B 269 -14.17 2.01 -7.09
N LYS B 270 -14.20 3.33 -7.15
CA LYS B 270 -13.04 4.11 -7.56
C LYS B 270 -12.28 4.62 -6.36
N GLY B 271 -10.95 4.59 -6.46
CA GLY B 271 -10.08 5.21 -5.46
C GLY B 271 -9.58 6.54 -5.98
N TYR B 272 -9.61 7.54 -5.11
CA TYR B 272 -9.36 8.90 -5.55
C TYR B 272 -9.11 9.80 -4.34
N VAL B 273 -8.64 11.00 -4.61
CA VAL B 273 -8.53 12.06 -3.61
C VAL B 273 -9.58 13.12 -3.95
N SER B 274 -10.00 13.85 -2.92
CA SER B 274 -11.06 14.84 -3.10
C SER B 274 -11.14 15.72 -1.86
N VAL B 275 -11.34 17.02 -2.07
CA VAL B 275 -11.38 17.99 -0.97
C VAL B 275 -12.78 18.60 -0.92
N ARG B 276 -13.48 18.36 0.20
CA ARG B 276 -14.82 18.87 0.41
C ARG B 276 -14.94 19.35 1.86
N LYS B 277 -16.10 19.90 2.20
CA LYS B 277 -16.37 20.41 3.54
C LYS B 277 -17.19 19.38 4.29
N GLY B 278 -16.56 18.71 5.26
CA GLY B 278 -17.21 17.66 6.02
C GLY B 278 -17.59 18.12 7.41
N SER B 279 -17.90 17.13 8.26
CA SER B 279 -18.31 17.46 9.62
C SER B 279 -17.27 18.32 10.32
N LEU B 280 -15.98 18.04 10.10
CA LEU B 280 -14.89 18.78 10.75
C LEU B 280 -14.37 19.91 9.88
N GLY B 281 -15.25 20.61 9.18
CA GLY B 281 -14.83 21.63 8.25
C GLY B 281 -14.22 21.03 7.00
N SER B 282 -13.67 21.91 6.17
CA SER B 282 -13.11 21.50 4.89
C SER B 282 -11.98 20.50 5.10
N SER B 283 -12.04 19.39 4.36
CA SER B 283 -11.12 18.28 4.46
C SER B 283 -10.64 17.87 3.08
N LEU B 284 -9.40 17.37 3.03
CA LEU B 284 -8.87 16.72 1.83
C LEU B 284 -8.90 15.21 2.08
N ARG B 285 -9.75 14.51 1.34
CA ARG B 285 -10.04 13.11 1.59
C ARG B 285 -9.36 12.22 0.57
N GLY B 286 -8.80 11.11 1.04
CA GLY B 286 -8.51 9.96 0.21
C GLY B 286 -9.60 8.94 0.44
N LYS B 287 -10.29 8.56 -0.63
CA LYS B 287 -11.43 7.66 -0.53
C LYS B 287 -11.23 6.44 -1.41
N SER B 288 -11.61 5.27 -0.90
CA SER B 288 -11.52 4.02 -1.63
C SER B 288 -12.59 3.08 -1.11
N PRO B 289 -13.14 2.23 -1.96
CA PRO B 289 -14.23 1.35 -1.52
C PRO B 289 -13.71 0.09 -0.84
N ILE B 290 -14.63 -0.58 -0.15
CA ILE B 290 -14.37 -1.88 0.46
C ILE B 290 -15.16 -2.92 -0.30
N LEU B 291 -14.47 -3.89 -0.90
CA LEU B 291 -15.09 -4.90 -1.75
C LEU B 291 -15.08 -6.25 -1.05
N ASP B 292 -16.14 -7.02 -1.26
CA ASP B 292 -16.19 -8.40 -0.80
C ASP B 292 -15.40 -9.27 -1.77
N ALA B 293 -15.50 -10.59 -1.61
CA ALA B 293 -14.80 -11.49 -2.51
C ALA B 293 -15.38 -11.42 -3.93
N THR B 294 -16.68 -11.16 -4.06
CA THR B 294 -17.28 -11.09 -5.39
C THR B 294 -16.87 -9.82 -6.12
N GLY B 295 -16.54 -8.77 -5.39
CA GLY B 295 -16.22 -7.47 -5.98
C GLY B 295 -17.24 -6.40 -5.70
N ARG B 296 -18.33 -6.72 -5.02
CA ARG B 296 -19.33 -5.72 -4.68
C ARG B 296 -18.82 -4.82 -3.57
N VAL B 297 -18.90 -3.51 -3.78
CA VAL B 297 -18.51 -2.57 -2.73
C VAL B 297 -19.55 -2.60 -1.62
N VAL B 298 -19.09 -2.82 -0.40
CA VAL B 298 -19.95 -2.93 0.77
C VAL B 298 -19.73 -1.80 1.77
N GLY B 299 -18.88 -0.84 1.44
CA GLY B 299 -18.56 0.24 2.35
C GLY B 299 -17.47 1.09 1.75
N ILE B 300 -17.13 2.15 2.48
CA ILE B 300 -16.13 3.11 2.02
C ILE B 300 -15.22 3.47 3.18
N VAL B 301 -13.92 3.60 2.89
CA VAL B 301 -12.94 4.12 3.83
C VAL B 301 -12.52 5.50 3.35
N SER B 302 -12.35 6.42 4.30
CA SER B 302 -11.93 7.78 3.98
C SER B 302 -10.98 8.28 5.06
N VAL B 303 -9.71 8.37 4.73
CA VAL B 303 -8.76 9.09 5.57
C VAL B 303 -8.65 10.50 5.02
N GLY B 304 -8.41 11.46 5.91
CA GLY B 304 -8.46 12.85 5.50
C GLY B 304 -7.65 13.75 6.41
N TYR B 305 -7.16 14.83 5.81
CA TYR B 305 -6.42 15.88 6.50
C TYR B 305 -7.21 17.19 6.35
N THR B 306 -7.60 17.79 7.44
CA THR B 306 -8.21 19.09 7.40
C THR B 306 -7.02 19.75 7.86
N ILE B 307 -6.58 20.85 7.33
CA ILE B 307 -7.18 21.56 6.26
C ILE B 307 -6.58 22.94 6.05
N GLU B 308 -5.86 23.64 6.93
CA GLU B 308 -5.35 23.53 8.33
C GLU B 308 -5.40 22.34 9.25
N GLN B 309 -4.35 21.53 9.35
CA GLN B 309 -3.17 21.70 8.61
C GLN B 309 -3.54 21.27 7.30
N LEU B 310 -2.99 21.81 6.25
CA LEU B 310 -2.06 22.93 6.35
C LEU B 310 -2.84 24.22 6.01
N GLU B 311 -2.35 25.43 6.30
CA GLU B 311 -0.98 25.74 6.71
C GLU B 311 -0.71 25.56 8.20
N SER B 312 -0.13 24.41 8.54
CA SER B 312 0.40 24.17 9.86
C SER B 312 1.73 23.42 9.70
N ASN B 313 2.52 23.43 10.77
CA ASN B 313 3.74 22.63 10.84
C ASN B 313 3.57 21.61 11.95
N LEU B 314 3.69 20.34 11.60
CA LEU B 314 3.44 19.25 12.53
C LEU B 314 4.76 18.80 13.17
N VAL B 315 4.85 18.94 14.48
CA VAL B 315 5.98 18.44 15.26
C VAL B 315 5.56 17.10 15.84
N TYR B 316 6.15 16.02 15.34
CA TYR B 316 5.78 14.67 15.75
C TYR B 316 6.60 14.27 16.98
N ILE B 317 5.93 14.13 18.12
CA ILE B 317 6.57 13.90 19.41
C ILE B 317 6.43 12.43 19.77
N LYS B 318 7.55 11.81 20.13
CA LYS B 318 7.60 10.42 20.58
C LYS B 318 8.28 10.36 21.94
N ALA B 319 7.69 9.63 22.87
CA ALA B 319 8.25 9.53 24.21
C ALA B 319 9.60 8.81 24.17
N ASP B 320 10.48 9.20 25.10
CA ASP B 320 11.81 8.62 25.22
C ASP B 320 11.97 8.17 26.67
N LYS B 321 11.73 6.87 26.93
CA LYS B 321 11.68 6.38 28.30
C LYS B 321 13.08 6.28 28.91
N GLN B 322 14.08 5.92 28.10
CA GLN B 322 15.41 5.69 28.64
C GLN B 322 16.06 6.97 29.16
N LYS B 323 15.72 8.11 28.57
CA LYS B 323 16.28 9.39 28.99
C LYS B 323 15.29 10.24 29.78
N ASN B 324 14.14 9.68 30.16
CA ASN B 324 13.13 10.40 30.92
C ASN B 324 12.69 11.66 30.19
N GLY B 325 12.38 11.51 28.90
CA GLY B 325 12.03 12.66 28.09
C GLY B 325 11.38 12.33 26.76
N ILE B 326 11.56 13.22 25.78
CA ILE B 326 10.90 13.12 24.49
C ILE B 326 11.92 13.30 23.37
N LYS B 327 11.58 12.75 22.21
CA LYS B 327 12.29 13.00 20.97
C LYS B 327 11.25 13.36 19.91
N ALA B 328 11.64 14.23 18.97
CA ALA B 328 10.70 14.70 17.97
C ALA B 328 11.38 14.79 16.60
N ASN B 329 10.58 14.58 15.56
CA ASN B 329 11.04 14.70 14.17
C ASN B 329 10.01 15.51 13.39
N PHE B 330 10.50 16.42 12.54
CA PHE B 330 9.63 17.17 11.67
C PHE B 330 10.48 17.89 10.62
N HIS B 331 9.84 18.21 9.50
CA HIS B 331 10.44 19.00 8.45
C HIS B 331 9.85 20.41 8.45
N VAL B 332 10.46 21.27 7.65
CA VAL B 332 9.92 22.60 7.36
C VAL B 332 10.56 23.09 6.07
N ARG B 333 9.74 23.56 5.15
CA ARG B 333 10.23 24.05 3.87
C ARG B 333 10.45 25.55 3.96
N HIS B 334 11.61 26.00 3.49
CA HIS B 334 11.97 27.40 3.46
C HIS B 334 11.98 27.86 2.01
N ASN B 335 11.02 28.70 1.64
CA ASN B 335 10.86 29.11 0.26
C ASN B 335 12.08 29.90 -0.22
N ILE B 336 12.62 29.49 -1.36
CA ILE B 336 13.67 30.25 -2.01
C ILE B 336 13.04 31.40 -2.78
N GLU B 337 13.69 32.56 -2.77
CA GLU B 337 13.18 33.68 -3.55
C GLU B 337 13.34 33.44 -5.05
N ASP B 338 14.24 32.56 -5.45
CA ASP B 338 14.26 32.07 -6.82
C ASP B 338 12.92 31.46 -7.19
N GLY B 339 12.42 30.57 -6.35
CA GLY B 339 11.20 29.84 -6.65
C GLY B 339 11.32 28.40 -6.21
N GLY B 340 12.55 28.01 -5.86
CA GLY B 340 12.81 26.67 -5.37
C GLY B 340 12.34 26.48 -3.95
N VAL B 341 12.83 25.43 -3.29
CA VAL B 341 12.49 25.15 -1.90
C VAL B 341 13.73 24.63 -1.20
N GLN B 342 14.06 25.22 -0.06
CA GLN B 342 15.10 24.72 0.82
C GLN B 342 14.43 23.96 1.96
N LEU B 343 14.75 22.68 2.09
CA LEU B 343 14.13 21.83 3.09
C LEU B 343 15.03 21.72 4.32
N ALA B 344 14.41 21.82 5.50
CA ALA B 344 15.11 21.71 6.77
C ALA B 344 14.51 20.55 7.55
N TYR B 345 15.33 19.53 7.80
CA TYR B 345 14.89 18.34 8.54
C TYR B 345 15.33 18.47 9.98
N HIS B 346 14.36 18.48 10.90
CA HIS B 346 14.61 18.68 12.32
C HIS B 346 14.51 17.35 13.05
N TYR B 347 15.58 16.98 13.76
CA TYR B 347 15.56 15.87 14.71
C TYR B 347 15.86 16.45 16.08
N GLN B 348 14.89 16.39 16.98
CA GLN B 348 14.92 17.14 18.23
C GLN B 348 14.88 16.21 19.44
N GLN B 349 15.54 16.63 20.52
CA GLN B 349 15.66 15.85 21.75
C GLN B 349 15.48 16.76 22.95
N ASN B 350 14.64 16.34 23.91
CA ASN B 350 14.33 17.15 25.08
C ASN B 350 14.44 16.29 26.33
N THR B 351 15.29 16.71 27.26
CA THR B 351 15.49 16.04 28.54
C THR B 351 15.40 17.05 29.67
N PRO B 352 14.82 16.68 30.81
CA PRO B 352 14.63 17.63 31.91
C PRO B 352 15.85 17.75 32.81
N ILE B 353 16.10 18.96 33.29
CA ILE B 353 17.25 19.17 34.19
C ILE B 353 16.90 18.77 35.61
N GLY B 354 15.65 18.99 36.03
CA GLY B 354 15.23 18.55 37.35
C GLY B 354 15.16 17.04 37.43
N ASP B 355 15.47 16.52 38.61
CA ASP B 355 15.49 15.08 38.84
C ASP B 355 14.11 14.51 39.17
N GLY B 356 13.07 15.34 39.21
CA GLY B 356 11.74 14.88 39.55
C GLY B 356 11.01 14.26 38.39
N PRO B 357 10.05 13.39 38.68
CA PRO B 357 9.31 12.71 37.61
C PRO B 357 8.48 13.69 36.78
N VAL B 358 8.32 13.35 35.51
CA VAL B 358 7.67 14.23 34.54
C VAL B 358 6.49 13.54 33.87
N LEU B 359 5.96 14.15 32.81
CA LEU B 359 4.85 13.58 32.04
C LEU B 359 5.42 12.99 30.75
N LEU B 360 5.49 11.67 30.68
CA LEU B 360 5.88 11.19 29.35
C LEU B 360 4.64 10.97 28.49
N PRO B 361 4.68 11.39 27.22
CA PRO B 361 3.45 11.43 26.43
C PRO B 361 3.24 10.25 25.50
N ASP B 362 1.97 9.90 25.26
CA ASP B 362 1.66 9.04 24.13
C ASP B 362 2.00 9.76 22.84
N ASN B 363 2.21 8.98 21.78
CA ASN B 363 2.51 9.54 20.47
C ASN B 363 1.45 10.57 20.08
N HIS B 364 1.91 11.77 19.72
CA HIS B 364 1.03 12.86 19.33
C HIS B 364 1.85 13.91 18.59
N TYR B 365 1.23 15.04 18.27
CA TYR B 365 1.93 16.07 17.52
C TYR B 365 1.47 17.47 17.93
N LEU B 366 2.26 18.46 17.55
CA LEU B 366 1.97 19.87 17.77
C LEU B 366 1.89 20.57 16.42
N SER B 367 0.74 21.14 16.10
CA SER B 367 0.55 21.84 14.85
C SER B 367 0.81 23.32 15.06
N VAL B 368 1.83 23.85 14.37
CA VAL B 368 2.27 25.23 14.53
C VAL B 368 2.10 25.96 13.21
N GLN B 369 1.70 27.23 13.31
CA GLN B 369 1.77 28.15 12.18
C GLN B 369 2.27 29.50 12.69
N SER B 370 3.21 30.09 11.96
CA SER B 370 3.89 31.30 12.39
C SER B 370 3.78 32.39 11.33
N GLU B 371 3.81 33.62 11.79
CA GLU B 371 3.86 34.79 10.93
C GLU B 371 5.07 35.64 11.32
N LEU B 372 5.86 36.04 10.33
CA LEU B 372 6.97 36.94 10.53
C LEU B 372 6.56 38.36 10.18
N SER B 373 7.25 39.33 10.78
CA SER B 373 6.97 40.74 10.53
C SER B 373 8.14 41.57 11.01
N LYS B 374 8.02 42.89 10.86
CA LYS B 374 9.08 43.82 11.20
C LYS B 374 8.54 44.91 12.11
N ASP B 375 9.26 45.19 13.19
CA ASP B 375 8.95 46.35 14.03
C ASP B 375 9.15 47.62 13.23
N PRO B 376 8.14 48.47 13.08
CA PRO B 376 8.25 49.61 12.17
C PRO B 376 9.19 50.71 12.65
N ASN B 377 9.67 50.66 13.89
CA ASN B 377 10.52 51.71 14.44
C ASN B 377 11.88 51.18 14.87
N GLU B 378 12.27 50.01 14.39
CA GLU B 378 13.52 49.37 14.79
C GLU B 378 14.44 49.25 13.57
N LYS B 379 15.57 49.95 13.63
CA LYS B 379 16.50 49.94 12.51
C LYS B 379 17.35 48.66 12.48
N ARG B 380 17.76 48.17 13.65
CA ARG B 380 18.67 47.04 13.71
C ARG B 380 18.03 45.79 13.11
N ASP B 381 18.89 44.91 12.57
CA ASP B 381 18.44 43.65 12.00
C ASP B 381 17.69 42.85 13.06
N HIS B 382 16.44 42.50 12.76
CA HIS B 382 15.55 41.95 13.78
C HIS B 382 14.43 41.18 13.09
N MET B 383 13.55 40.59 13.91
CA MET B 383 12.42 39.82 13.43
C MET B 383 11.33 39.80 14.50
N VAL B 384 10.09 39.95 14.08
CA VAL B 384 8.92 39.92 14.96
C VAL B 384 8.10 38.69 14.61
N LEU B 385 7.85 37.85 15.61
CA LEU B 385 7.24 36.54 15.39
C LEU B 385 5.94 36.41 16.16
N GLN B 386 4.89 35.98 15.46
CA GLN B 386 3.61 35.63 16.07
C GLN B 386 3.34 34.17 15.79
N GLU B 387 3.27 33.37 16.86
CA GLU B 387 3.22 31.92 16.74
C GLU B 387 2.05 31.38 17.55
N HIS B 388 1.31 30.44 16.96
CA HIS B 388 0.11 29.86 17.59
C HIS B 388 0.22 28.35 17.49
N VAL B 389 0.48 27.69 18.62
CA VAL B 389 0.74 26.26 18.65
C VAL B 389 -0.37 25.55 19.39
N THR B 390 -0.84 24.45 18.82
CA THR B 390 -1.88 23.61 19.41
C THR B 390 -1.44 22.16 19.40
N ALA B 391 -1.80 21.43 20.44
CA ALA B 391 -1.58 19.99 20.51
C ALA B 391 -2.79 19.25 19.96
N ALA B 392 -2.53 18.15 19.26
CA ALA B 392 -3.59 17.35 18.67
C ALA B 392 -3.05 15.95 18.40
N GLY B 393 -3.88 15.11 17.80
CA GLY B 393 -3.54 13.73 17.53
C GLY B 393 -4.17 12.72 18.46
N ILE B 394 -4.98 13.16 19.42
CA ILE B 394 -5.62 12.29 20.40
C ILE B 394 -7.03 12.80 20.62
N THR B 395 -8.03 11.97 20.32
CA THR B 395 -9.42 12.38 20.49
C THR B 395 -10.00 11.80 21.77
N LEU B 396 -10.67 10.66 21.65
CA LEU B 396 -11.24 9.96 22.81
C LEU B 396 -12.25 10.83 23.56
C1 CIT C . 2.37 1.83 -20.00
O1 CIT C . 1.99 2.40 -18.99
O2 CIT C . 1.71 1.71 -21.04
C2 CIT C . 3.75 1.27 -20.00
C3 CIT C . 4.21 0.74 -21.31
O7 CIT C . 3.70 1.55 -22.31
C4 CIT C . 5.74 0.82 -21.35
C5 CIT C . 6.48 1.22 -22.62
O3 CIT C . 7.68 1.46 -22.66
O4 CIT C . 5.83 1.31 -23.62
C6 CIT C . 3.55 -0.58 -21.49
O5 CIT C . 2.41 -0.74 -21.17
O6 CIT C . 4.14 -1.52 -21.99
C1 CIT D . -15.48 14.82 8.49
O1 CIT D . -15.35 16.05 8.32
O2 CIT D . -16.12 14.39 9.46
C2 CIT D . -14.84 13.86 7.52
C3 CIT D . -15.87 13.40 6.50
O7 CIT D . -16.67 14.54 6.08
C4 CIT D . -15.09 12.85 5.31
C5 CIT D . -15.88 11.80 4.57
O3 CIT D . -16.96 12.08 4.00
O4 CIT D . -15.44 10.64 4.52
C6 CIT D . -16.79 12.35 7.10
O5 CIT D . -16.36 11.52 7.94
O6 CIT D . -18.00 12.32 6.78
#